data_6SCI
#
_entry.id   6SCI
#
_cell.length_a   71.030
_cell.length_b   96.730
_cell.length_c   122.890
_cell.angle_alpha   90.000
_cell.angle_beta   90.000
_cell.angle_gamma   90.000
#
_symmetry.space_group_name_H-M   'P 21 21 21'
#
loop_
_entity.id
_entity.type
_entity.pdbx_description
1 polymer 'Aldehyde-alcohol dehydrogenase'
2 non-polymer 'FE (III) ION'
3 water water
#
_entity_poly.entity_id   1
_entity_poly.type   'polypeptide(L)'
_entity_poly.pdbx_seq_one_letter_code
;MDMLWHKLPKSIYFRRGSLPIALDEVITDGHKRALIVTDRFLFNNGYADQITSVLKAAGVETEVFFEVEADPTLSIVRKG
AELANSFKPDVIIALGGGSPMDAAKIMWVMYEHPETHFEELALRFMDIRKRIYKFPKMGVKAKMIAVTTTSGTGSEVTPF
AVVTDDATGQKYPLADYALTPDMAIVDANLVMDMPKSLCAFGGLDAVTHAMEAYVSVLASEFSDGQALQALKLLKEYLPA
SYHEGSKNPVARERVHSAATIAGIAFANAFLGVCHSMAHKLGSQFHIPHGLANALLICNVIRYNANDNPTKQTAFSQYDR
PQARRRYAEIADHLGLSAPGDRTAAKIEKLLAWLETLKAELGIPKSIREAGVQEADFLANVDKLSEDAFDDQCTGANPRY
PLISELKQILLDTYYGRDYVEGETAAKKEAAPAKAEKKAKKSAPWGAGGLEVLFQ
;
_entity_poly.pdbx_strand_id   A,B
#
# COMPACT_ATOMS: atom_id res chain seq x y z
N MET A 3 8.28 -4.04 16.08
CA MET A 3 7.98 -3.18 14.94
C MET A 3 7.51 -3.96 13.72
N LEU A 4 6.47 -3.47 13.06
CA LEU A 4 5.99 -4.07 11.84
C LEU A 4 6.23 -3.08 10.71
N TRP A 5 6.01 -3.53 9.49
CA TRP A 5 6.35 -2.67 8.37
C TRP A 5 5.38 -2.90 7.22
N HIS A 6 5.36 -1.93 6.34
CA HIS A 6 4.65 -2.01 5.06
C HIS A 6 5.66 -1.50 4.04
N LYS A 7 6.16 -2.40 3.19
CA LYS A 7 7.26 -2.09 2.27
C LYS A 7 6.88 -2.53 0.87
N LEU A 8 6.97 -1.60 -0.07
CA LEU A 8 6.47 -1.79 -1.42
C LEU A 8 7.37 -1.02 -2.37
N PRO A 9 7.27 -1.28 -3.67
CA PRO A 9 7.88 -0.35 -4.64
C PRO A 9 7.27 1.03 -4.42
N LYS A 10 8.13 2.05 -4.54
CA LYS A 10 7.73 3.44 -4.50
C LYS A 10 6.57 3.74 -5.45
N SER A 11 6.53 3.06 -6.59
CA SER A 11 5.55 3.36 -7.62
C SER A 11 4.99 2.07 -8.19
N ILE A 12 3.67 1.97 -8.20
CA ILE A 12 2.97 0.89 -8.89
C ILE A 12 2.05 1.56 -9.90
N TYR A 13 2.26 1.27 -11.17
CA TYR A 13 1.39 1.78 -12.23
C TYR A 13 0.50 0.65 -12.73
N PHE A 14 -0.78 0.94 -12.95
CA PHE A 14 -1.72 -0.12 -13.29
C PHE A 14 -2.85 0.41 -14.18
N ARG A 15 -3.70 -0.53 -14.62
CA ARG A 15 -4.76 -0.37 -15.63
C ARG A 15 -4.21 -0.56 -17.04
N ARG A 16 -5.09 -0.89 -17.98
CA ARG A 16 -4.71 -0.99 -19.39
C ARG A 16 -4.05 0.30 -19.86
N GLY A 17 -2.99 0.16 -20.65
CA GLY A 17 -2.28 1.31 -21.15
C GLY A 17 -1.28 1.93 -20.21
N SER A 18 -1.04 1.34 -19.04
CA SER A 18 -0.10 1.94 -18.09
C SER A 18 1.36 1.81 -18.53
N LEU A 19 1.70 0.79 -19.35
CA LEU A 19 3.11 0.58 -19.69
C LEU A 19 3.77 1.79 -20.36
N PRO A 20 3.25 2.34 -21.47
CA PRO A 20 3.93 3.53 -22.04
C PRO A 20 3.96 4.72 -21.10
N ILE A 21 2.99 4.89 -20.21
CA ILE A 21 3.04 6.04 -19.33
C ILE A 21 4.09 5.82 -18.24
N ALA A 22 4.18 4.61 -17.71
CA ALA A 22 5.25 4.30 -16.77
C ALA A 22 6.61 4.45 -17.41
N LEU A 23 6.77 4.02 -18.66
CA LEU A 23 8.06 4.13 -19.31
C LEU A 23 8.45 5.58 -19.57
N ASP A 24 7.48 6.49 -19.70
CA ASP A 24 7.84 7.89 -19.86
C ASP A 24 8.49 8.45 -18.59
N GLU A 25 8.05 7.99 -17.41
CA GLU A 25 8.76 8.38 -16.19
C GLU A 25 10.17 7.82 -16.18
N VAL A 26 10.35 6.61 -16.71
CA VAL A 26 11.70 6.05 -16.81
C VAL A 26 12.57 6.92 -17.68
N ILE A 27 12.03 7.41 -18.80
CA ILE A 27 12.78 8.26 -19.71
C ILE A 27 13.08 9.59 -19.05
N THR A 28 12.05 10.25 -18.49
CA THR A 28 12.27 11.55 -17.88
C THR A 28 13.10 11.45 -16.60
N ASP A 29 13.16 10.28 -15.97
CA ASP A 29 14.10 10.11 -14.87
C ASP A 29 15.56 10.07 -15.34
N GLY A 30 15.81 10.05 -16.64
CA GLY A 30 17.15 10.14 -17.17
C GLY A 30 17.85 8.84 -17.49
N HIS A 31 17.13 7.72 -17.47
CA HIS A 31 17.72 6.43 -17.81
C HIS A 31 18.08 6.38 -19.30
N LYS A 32 19.29 5.88 -19.61
CA LYS A 32 19.77 5.83 -20.98
C LYS A 32 20.11 4.43 -21.48
N ARG A 33 20.20 3.42 -20.61
CA ARG A 33 20.59 2.08 -21.03
C ARG A 33 19.70 1.09 -20.29
N ALA A 34 18.85 0.37 -21.02
CA ALA A 34 17.85 -0.52 -20.42
C ALA A 34 18.09 -1.97 -20.83
N LEU A 35 18.18 -2.85 -19.84
CA LEU A 35 18.30 -4.28 -20.08
C LEU A 35 16.96 -4.94 -19.77
N ILE A 36 16.33 -5.51 -20.78
CA ILE A 36 15.07 -6.22 -20.58
C ILE A 36 15.40 -7.69 -20.38
N VAL A 37 14.78 -8.30 -19.36
CA VAL A 37 14.96 -9.70 -19.00
C VAL A 37 13.61 -10.40 -19.12
N THR A 38 13.52 -11.40 -19.98
CA THR A 38 12.23 -12.05 -20.26
C THR A 38 12.51 -13.48 -20.69
N ASP A 39 11.49 -14.19 -21.18
CA ASP A 39 11.66 -15.53 -21.72
C ASP A 39 11.39 -15.55 -23.22
N ARG A 40 11.61 -16.71 -23.84
CA ARG A 40 11.56 -16.80 -25.28
C ARG A 40 10.14 -16.61 -25.81
N PHE A 41 9.14 -17.18 -25.12
CA PHE A 41 7.76 -17.01 -25.59
C PHE A 41 7.39 -15.53 -25.66
N LEU A 42 7.69 -14.77 -24.61
CA LEU A 42 7.30 -13.37 -24.58
C LEU A 42 8.09 -12.55 -25.59
N PHE A 43 9.38 -12.85 -25.77
CA PHE A 43 10.16 -12.17 -26.81
C PHE A 43 9.59 -12.48 -28.18
N ASN A 44 9.33 -13.76 -28.46
CA ASN A 44 8.91 -14.19 -29.80
C ASN A 44 7.54 -13.66 -30.16
N ASN A 45 6.70 -13.37 -29.17
CA ASN A 45 5.32 -12.97 -29.41
C ASN A 45 5.09 -11.48 -29.23
N GLY A 46 6.16 -10.69 -29.22
CA GLY A 46 6.07 -9.24 -29.29
C GLY A 46 5.92 -8.50 -27.99
N TYR A 47 5.99 -9.19 -26.85
CA TYR A 47 5.79 -8.51 -25.57
C TYR A 47 6.96 -7.59 -25.23
N ALA A 48 8.19 -8.00 -25.53
CA ALA A 48 9.35 -7.13 -25.29
C ALA A 48 9.33 -5.92 -26.21
N ASP A 49 8.78 -6.06 -27.41
CA ASP A 49 8.70 -4.92 -28.33
C ASP A 49 7.88 -3.79 -27.73
N GLN A 50 6.87 -4.13 -26.93
CA GLN A 50 6.06 -3.10 -26.29
C GLN A 50 6.90 -2.20 -25.40
N ILE A 51 8.00 -2.73 -24.87
CA ILE A 51 8.89 -1.90 -24.06
C ILE A 51 9.93 -1.20 -24.91
N THR A 52 10.64 -1.97 -25.74
CA THR A 52 11.82 -1.41 -26.40
C THR A 52 11.46 -0.37 -27.43
N SER A 53 10.29 -0.49 -28.07
CA SER A 53 9.91 0.51 -29.07
C SER A 53 9.77 1.88 -28.42
N VAL A 54 9.13 1.92 -27.25
CA VAL A 54 8.95 3.18 -26.53
C VAL A 54 10.31 3.76 -26.11
N LEU A 55 11.18 2.92 -25.54
CA LEU A 55 12.46 3.41 -25.04
C LEU A 55 13.35 3.89 -26.18
N LYS A 56 13.43 3.13 -27.26
CA LYS A 56 14.28 3.55 -28.37
C LYS A 56 13.80 4.81 -29.04
N ALA A 57 12.49 4.97 -29.16
CA ALA A 57 11.97 6.20 -29.74
C ALA A 57 12.48 7.42 -28.96
N ALA A 58 12.78 7.25 -27.68
CA ALA A 58 13.33 8.32 -26.85
C ALA A 58 14.86 8.30 -26.76
N GLY A 59 15.54 7.51 -27.59
CA GLY A 59 16.99 7.50 -27.56
C GLY A 59 17.61 6.75 -26.40
N VAL A 60 16.83 5.92 -25.70
CA VAL A 60 17.36 5.02 -24.70
C VAL A 60 17.92 3.80 -25.40
N GLU A 61 19.16 3.42 -25.08
CA GLU A 61 19.74 2.20 -25.62
C GLU A 61 19.15 0.99 -24.92
N THR A 62 18.83 -0.05 -25.69
CA THR A 62 18.16 -1.22 -25.12
C THR A 62 18.87 -2.50 -25.53
N GLU A 63 18.78 -3.49 -24.63
CA GLU A 63 19.27 -4.84 -24.88
C GLU A 63 18.25 -5.79 -24.27
N VAL A 64 17.96 -6.90 -24.95
CA VAL A 64 16.93 -7.83 -24.46
C VAL A 64 17.57 -9.18 -24.22
N PHE A 65 17.44 -9.69 -22.99
CA PHE A 65 17.88 -11.04 -22.64
C PHE A 65 16.63 -11.90 -22.53
N PHE A 66 16.49 -12.87 -23.44
CA PHE A 66 15.21 -13.59 -23.52
C PHE A 66 15.37 -15.07 -23.26
N GLU A 67 16.41 -15.47 -22.51
CA GLU A 67 16.73 -16.88 -22.33
C GLU A 67 16.30 -17.42 -20.96
N VAL A 68 15.42 -16.72 -20.24
CA VAL A 68 14.91 -17.25 -18.97
C VAL A 68 13.98 -18.42 -19.28
N GLU A 69 14.14 -19.51 -18.53
CA GLU A 69 13.36 -20.73 -18.76
C GLU A 69 12.17 -20.78 -17.80
N ALA A 70 11.51 -21.93 -17.71
CA ALA A 70 10.30 -22.01 -16.88
C ALA A 70 10.60 -21.76 -15.41
N ASP A 71 11.81 -22.09 -14.96
CA ASP A 71 12.33 -21.79 -13.64
C ASP A 71 13.61 -20.98 -13.75
N PRO A 72 13.82 -20.00 -12.87
CA PRO A 72 15.15 -19.35 -12.84
C PRO A 72 16.20 -20.38 -12.49
N THR A 73 17.18 -20.53 -13.38
CA THR A 73 18.32 -21.41 -13.16
C THR A 73 19.58 -20.58 -12.96
N LEU A 74 20.53 -21.15 -12.21
CA LEU A 74 21.75 -20.43 -11.88
C LEU A 74 22.59 -20.12 -13.12
N SER A 75 22.67 -21.07 -14.06
CA SER A 75 23.44 -20.81 -15.28
C SER A 75 22.83 -19.65 -16.07
N ILE A 76 21.50 -19.60 -16.19
CA ILE A 76 20.86 -18.52 -16.93
C ILE A 76 21.02 -17.19 -16.21
N VAL A 77 20.88 -17.20 -14.87
CA VAL A 77 21.07 -15.97 -14.11
C VAL A 77 22.50 -15.44 -14.27
N ARG A 78 23.49 -16.33 -14.25
CA ARG A 78 24.88 -15.90 -14.44
C ARG A 78 25.10 -15.30 -15.82
N LYS A 79 24.48 -15.90 -16.85
CA LYS A 79 24.61 -15.37 -18.19
C LYS A 79 23.99 -13.98 -18.31
N GLY A 80 22.83 -13.78 -17.70
CA GLY A 80 22.21 -12.46 -17.72
C GLY A 80 23.02 -11.43 -16.97
N ALA A 81 23.66 -11.84 -15.86
CA ALA A 81 24.51 -10.91 -15.14
C ALA A 81 25.74 -10.53 -15.94
N GLU A 82 26.31 -11.47 -16.70
CA GLU A 82 27.47 -11.14 -17.51
C GLU A 82 27.10 -10.19 -18.65
N LEU A 83 25.91 -10.38 -19.23
CA LEU A 83 25.43 -9.42 -20.22
C LEU A 83 25.28 -8.05 -19.61
N ALA A 84 24.72 -7.99 -18.40
CA ALA A 84 24.63 -6.71 -17.68
C ALA A 84 26.01 -6.09 -17.46
N ASN A 85 26.98 -6.92 -17.07
CA ASN A 85 28.33 -6.41 -16.85
C ASN A 85 28.91 -5.76 -18.11
N SER A 86 28.60 -6.32 -19.28
CA SER A 86 29.12 -5.80 -20.53
CA SER A 86 29.14 -5.77 -20.52
C SER A 86 28.28 -4.63 -21.05
N PHE A 87 26.96 -4.77 -21.02
CA PHE A 87 26.09 -3.72 -21.56
C PHE A 87 25.97 -2.53 -20.63
N LYS A 88 26.12 -2.74 -19.32
CA LYS A 88 26.07 -1.70 -18.29
C LYS A 88 24.75 -0.94 -18.29
N PRO A 89 23.63 -1.60 -18.03
CA PRO A 89 22.36 -0.88 -17.93
C PRO A 89 22.30 -0.01 -16.70
N ASP A 90 21.52 1.07 -16.79
CA ASP A 90 21.16 1.84 -15.60
C ASP A 90 19.70 1.60 -15.21
N VAL A 91 19.01 0.73 -15.93
CA VAL A 91 17.74 0.18 -15.50
C VAL A 91 17.64 -1.24 -16.04
N ILE A 92 17.18 -2.16 -15.19
CA ILE A 92 16.83 -3.51 -15.59
C ILE A 92 15.31 -3.61 -15.56
N ILE A 93 14.72 -4.17 -16.61
CA ILE A 93 13.27 -4.27 -16.72
C ILE A 93 12.90 -5.74 -16.91
N ALA A 94 12.37 -6.34 -15.85
CA ALA A 94 11.89 -7.71 -15.90
C ALA A 94 10.52 -7.73 -16.53
N LEU A 95 10.32 -8.66 -17.47
CA LEU A 95 9.05 -8.78 -18.19
C LEU A 95 8.64 -10.24 -18.17
N GLY A 96 7.52 -10.54 -17.52
CA GLY A 96 6.96 -11.88 -17.60
C GLY A 96 6.24 -12.26 -16.33
N GLY A 97 6.10 -13.56 -16.14
CA GLY A 97 5.57 -14.10 -14.90
C GLY A 97 6.67 -14.19 -13.86
N GLY A 98 6.51 -15.14 -12.94
CA GLY A 98 7.42 -15.23 -11.81
C GLY A 98 8.85 -15.57 -12.19
N SER A 99 9.05 -16.40 -13.24
CA SER A 99 10.40 -16.83 -13.56
CA SER A 99 10.40 -16.83 -13.56
C SER A 99 11.26 -15.67 -14.05
N PRO A 100 10.85 -14.89 -15.06
CA PRO A 100 11.70 -13.75 -15.44
C PRO A 100 11.86 -12.75 -14.31
N MET A 101 10.81 -12.50 -13.52
CA MET A 101 10.90 -11.49 -12.48
C MET A 101 11.84 -11.93 -11.37
N ASP A 102 11.82 -13.21 -11.01
CA ASP A 102 12.74 -13.71 -9.99
C ASP A 102 14.17 -13.74 -10.52
N ALA A 103 14.35 -14.23 -11.75
CA ALA A 103 15.68 -14.26 -12.34
C ALA A 103 16.30 -12.87 -12.40
N ALA A 104 15.51 -11.88 -12.85
CA ALA A 104 16.02 -10.52 -12.95
C ALA A 104 16.51 -9.99 -11.61
N LYS A 105 15.79 -10.28 -10.52
CA LYS A 105 16.22 -9.83 -9.19
C LYS A 105 17.63 -10.34 -8.86
N ILE A 106 17.92 -11.59 -9.20
CA ILE A 106 19.23 -12.16 -8.89
C ILE A 106 20.30 -11.63 -9.85
N MET A 107 19.95 -11.46 -11.13
CA MET A 107 20.90 -10.84 -12.05
C MET A 107 21.31 -9.46 -11.56
N TRP A 108 20.32 -8.71 -11.05
CA TRP A 108 20.54 -7.38 -10.50
C TRP A 108 21.57 -7.43 -9.38
N VAL A 109 21.40 -8.37 -8.45
CA VAL A 109 22.36 -8.55 -7.35
C VAL A 109 23.76 -8.77 -7.90
N MET A 110 23.90 -9.76 -8.78
CA MET A 110 25.21 -10.11 -9.30
C MET A 110 25.84 -8.96 -10.07
N TYR A 111 25.01 -8.16 -10.76
CA TYR A 111 25.51 -7.01 -11.51
C TYR A 111 25.99 -5.91 -10.57
N GLU A 112 25.19 -5.59 -9.54
CA GLU A 112 25.58 -4.58 -8.57
C GLU A 112 26.80 -5.00 -7.77
N HIS A 113 26.97 -6.30 -7.55
CA HIS A 113 28.04 -6.84 -6.68
C HIS A 113 28.64 -8.08 -7.31
N PRO A 114 29.43 -7.91 -8.38
CA PRO A 114 30.10 -9.07 -8.99
C PRO A 114 31.12 -9.74 -8.08
N GLU A 115 31.63 -9.02 -7.07
CA GLU A 115 32.57 -9.62 -6.13
C GLU A 115 31.88 -10.64 -5.23
N THR A 116 30.58 -10.48 -5.00
CA THR A 116 29.92 -11.35 -4.05
C THR A 116 29.75 -12.77 -4.62
N HIS A 117 29.98 -13.76 -3.76
CA HIS A 117 29.71 -15.16 -4.09
C HIS A 117 28.22 -15.44 -3.91
N PHE A 118 27.58 -15.99 -4.96
CA PHE A 118 26.15 -16.32 -4.86
C PHE A 118 25.87 -17.29 -3.70
N GLU A 119 26.62 -18.41 -3.61
CA GLU A 119 26.86 -19.15 -2.36
C GLU A 119 26.43 -18.43 -1.11
N GLU A 120 27.32 -17.53 -0.71
CA GLU A 120 27.20 -16.61 0.41
C GLU A 120 25.81 -16.02 0.53
N LEU A 121 25.42 -15.19 -0.43
CA LEU A 121 24.11 -14.54 -0.38
C LEU A 121 23.00 -15.55 -0.12
N ALA A 122 22.99 -16.65 -0.89
CA ALA A 122 21.92 -17.64 -0.78
C ALA A 122 21.74 -18.12 0.66
N LEU A 123 22.84 -18.32 1.36
CA LEU A 123 22.77 -18.82 2.74
C LEU A 123 22.42 -17.71 3.73
N ARG A 124 23.07 -16.55 3.63
CA ARG A 124 22.82 -15.53 4.64
C ARG A 124 21.44 -14.91 4.51
N PHE A 125 20.92 -14.78 3.29
CA PHE A 125 19.67 -14.06 3.07
C PHE A 125 18.57 -14.97 2.54
N MET A 126 18.36 -16.10 3.22
CA MET A 126 17.28 -17.02 2.85
C MET A 126 15.91 -16.49 3.23
N ASP A 127 15.82 -15.62 4.22
CA ASP A 127 14.52 -15.13 4.65
C ASP A 127 14.64 -13.75 5.28
N ILE A 128 13.47 -13.15 5.53
CA ILE A 128 13.41 -11.86 6.20
C ILE A 128 13.54 -12.08 7.69
N ARG A 129 14.52 -11.44 8.31
CA ARG A 129 14.74 -11.56 9.74
C ARG A 129 15.54 -10.35 10.20
N LYS A 130 15.77 -10.28 11.51
CA LYS A 130 16.63 -9.24 12.04
C LYS A 130 18.07 -9.74 12.02
N ARG A 131 18.96 -8.93 11.48
CA ARG A 131 20.35 -9.31 11.24
C ARG A 131 21.24 -8.13 11.54
N ILE A 132 22.40 -8.41 12.14
CA ILE A 132 23.43 -7.38 12.22
C ILE A 132 23.93 -7.03 10.82
N TYR A 133 24.15 -8.04 9.99
CA TYR A 133 24.68 -7.82 8.64
C TYR A 133 23.53 -7.59 7.67
N LYS A 134 23.64 -6.51 6.90
CA LYS A 134 22.60 -6.05 5.98
C LYS A 134 22.93 -6.48 4.56
N PHE A 135 21.89 -6.53 3.73
CA PHE A 135 22.04 -6.90 2.34
C PHE A 135 22.94 -5.89 1.63
N PRO A 136 23.79 -6.34 0.70
CA PRO A 136 24.64 -5.40 -0.03
C PRO A 136 23.80 -4.32 -0.69
N LYS A 137 24.38 -3.12 -0.81
CA LYS A 137 23.60 -1.99 -1.30
C LYS A 137 23.17 -2.19 -2.74
N MET A 138 21.89 -1.99 -3.00
CA MET A 138 21.30 -2.18 -4.31
C MET A 138 20.91 -0.83 -4.87
N GLY A 139 20.70 -0.79 -6.19
CA GLY A 139 20.22 0.41 -6.84
C GLY A 139 21.28 1.46 -7.10
N VAL A 140 22.54 1.09 -7.07
CA VAL A 140 23.60 2.04 -7.40
C VAL A 140 23.91 2.03 -8.89
N LYS A 141 24.15 0.84 -9.47
CA LYS A 141 24.33 0.77 -10.91
C LYS A 141 23.01 0.86 -11.67
N ALA A 142 21.93 0.34 -11.10
CA ALA A 142 20.67 0.26 -11.86
C ALA A 142 19.48 0.21 -10.94
N LYS A 143 18.38 0.79 -11.40
CA LYS A 143 17.09 0.57 -10.78
C LYS A 143 16.42 -0.64 -11.44
N MET A 144 15.48 -1.24 -10.72
CA MET A 144 14.77 -2.44 -11.16
C MET A 144 13.29 -2.12 -11.38
N ILE A 145 12.79 -2.48 -12.56
CA ILE A 145 11.38 -2.36 -12.92
C ILE A 145 10.84 -3.74 -13.24
N ALA A 146 9.62 -4.06 -12.77
CA ALA A 146 8.99 -5.34 -13.04
C ALA A 146 7.67 -5.14 -13.77
N VAL A 147 7.53 -5.80 -14.93
CA VAL A 147 6.33 -5.73 -15.76
C VAL A 147 5.71 -7.12 -15.79
N THR A 148 4.58 -7.31 -15.11
CA THR A 148 4.02 -8.66 -14.98
C THR A 148 3.10 -8.97 -16.14
N THR A 149 3.18 -10.20 -16.65
CA THR A 149 2.33 -10.66 -17.75
C THR A 149 1.43 -11.82 -17.35
N THR A 150 1.28 -12.11 -16.06
CA THR A 150 0.28 -13.06 -15.61
C THR A 150 -0.43 -12.47 -14.39
N SER A 151 -1.52 -13.14 -13.95
CA SER A 151 -2.40 -12.58 -12.93
C SER A 151 -2.78 -13.65 -11.90
N GLY A 152 -1.79 -14.12 -11.13
CA GLY A 152 -0.42 -13.64 -11.23
C GLY A 152 0.36 -13.94 -9.96
N THR A 153 1.69 -13.86 -10.02
CA THR A 153 2.53 -14.23 -8.90
C THR A 153 2.71 -13.10 -7.89
N GLY A 154 2.45 -11.86 -8.28
CA GLY A 154 2.75 -10.74 -7.42
C GLY A 154 4.22 -10.43 -7.22
N SER A 155 5.12 -11.13 -7.91
CA SER A 155 6.55 -10.92 -7.65
C SER A 155 7.00 -9.51 -7.98
N GLU A 156 6.24 -8.77 -8.79
CA GLU A 156 6.58 -7.38 -9.09
C GLU A 156 6.62 -6.47 -7.87
N VAL A 157 6.07 -6.87 -6.72
CA VAL A 157 6.11 -6.04 -5.50
C VAL A 157 6.78 -6.74 -4.32
N THR A 158 7.39 -7.91 -4.52
CA THR A 158 7.86 -8.65 -3.34
C THR A 158 9.38 -8.60 -3.17
N PRO A 159 9.87 -8.93 -1.97
CA PRO A 159 11.31 -9.05 -1.77
C PRO A 159 11.87 -10.43 -2.06
N PHE A 160 11.15 -11.29 -2.79
CA PHE A 160 11.49 -12.71 -2.88
C PHE A 160 12.03 -13.08 -4.26
N ALA A 161 12.94 -14.05 -4.26
CA ALA A 161 13.43 -14.65 -5.50
C ALA A 161 13.94 -16.04 -5.17
N VAL A 162 13.77 -16.97 -6.10
CA VAL A 162 14.34 -18.31 -5.97
C VAL A 162 15.05 -18.67 -7.27
N VAL A 163 16.17 -19.36 -7.17
CA VAL A 163 16.88 -19.82 -8.36
C VAL A 163 17.33 -21.25 -8.10
N THR A 164 17.26 -22.08 -9.14
CA THR A 164 17.67 -23.48 -9.06
C THR A 164 19.09 -23.64 -9.62
N ASP A 165 19.93 -24.38 -8.90
CA ASP A 165 21.24 -24.78 -9.40
C ASP A 165 21.03 -25.92 -10.38
N ASP A 166 21.28 -25.68 -11.67
CA ASP A 166 21.13 -26.71 -12.69
C ASP A 166 21.97 -27.94 -12.33
N ALA A 167 23.22 -27.70 -11.95
CA ALA A 167 24.19 -28.79 -11.79
C ALA A 167 23.80 -29.76 -10.69
N THR A 168 23.10 -29.28 -9.66
CA THR A 168 22.72 -30.13 -8.53
C THR A 168 21.23 -30.27 -8.32
N GLY A 169 20.42 -29.41 -8.94
CA GLY A 169 18.99 -29.38 -8.67
C GLY A 169 18.59 -28.70 -7.38
N GLN A 170 19.53 -28.19 -6.60
CA GLN A 170 19.18 -27.54 -5.34
C GLN A 170 18.62 -26.15 -5.59
N LYS A 171 17.49 -25.84 -4.95
CA LYS A 171 16.85 -24.54 -5.06
C LYS A 171 17.30 -23.63 -3.93
N TYR A 172 17.52 -22.36 -4.25
CA TYR A 172 18.02 -21.38 -3.29
C TYR A 172 17.05 -20.21 -3.18
N PRO A 173 16.22 -20.15 -2.15
CA PRO A 173 15.35 -18.99 -1.96
C PRO A 173 16.13 -17.81 -1.40
N LEU A 174 15.81 -16.63 -1.90
CA LEU A 174 16.42 -15.40 -1.42
C LEU A 174 15.33 -14.43 -1.01
N ALA A 175 15.58 -13.65 0.04
CA ALA A 175 14.56 -12.75 0.54
C ALA A 175 15.25 -11.55 1.18
N ASP A 176 14.98 -10.36 0.64
CA ASP A 176 15.44 -9.12 1.25
C ASP A 176 14.70 -7.97 0.58
N TYR A 177 14.35 -6.95 1.36
CA TYR A 177 13.60 -5.84 0.77
C TYR A 177 14.44 -4.98 -0.17
N ALA A 178 15.76 -5.16 -0.20
CA ALA A 178 16.57 -4.54 -1.25
C ALA A 178 16.32 -5.15 -2.62
N LEU A 179 15.65 -6.31 -2.69
CA LEU A 179 15.27 -6.95 -3.95
C LEU A 179 13.91 -6.51 -4.44
N THR A 180 13.13 -5.81 -3.62
CA THR A 180 11.84 -5.31 -4.06
C THR A 180 12.03 -4.37 -5.26
N PRO A 181 11.31 -4.55 -6.36
CA PRO A 181 11.50 -3.66 -7.51
C PRO A 181 11.29 -2.20 -7.12
N ASP A 182 11.97 -1.30 -7.84
CA ASP A 182 11.75 0.12 -7.64
C ASP A 182 10.42 0.58 -8.22
N MET A 183 9.92 -0.12 -9.22
CA MET A 183 8.65 0.20 -9.86
C MET A 183 8.03 -1.08 -10.38
N ALA A 184 6.72 -1.23 -10.17
CA ALA A 184 5.94 -2.32 -10.76
C ALA A 184 4.97 -1.73 -11.78
N ILE A 185 4.84 -2.40 -12.92
CA ILE A 185 3.93 -2.01 -14.00
C ILE A 185 2.94 -3.15 -14.21
N VAL A 186 1.66 -2.84 -14.10
CA VAL A 186 0.58 -3.83 -14.09
C VAL A 186 -0.38 -3.42 -15.20
N ASP A 187 -0.11 -3.86 -16.43
CA ASP A 187 -0.82 -3.35 -17.62
C ASP A 187 -1.54 -4.53 -18.25
N ALA A 188 -2.87 -4.57 -18.11
CA ALA A 188 -3.62 -5.75 -18.54
C ALA A 188 -3.68 -5.91 -20.04
N ASN A 189 -3.22 -4.91 -20.81
CA ASN A 189 -3.07 -5.15 -22.25
C ASN A 189 -2.12 -6.30 -22.51
N LEU A 190 -1.29 -6.68 -21.54
CA LEU A 190 -0.34 -7.76 -21.73
C LEU A 190 -0.89 -9.13 -21.30
N VAL A 191 -2.14 -9.22 -20.84
CA VAL A 191 -2.66 -10.50 -20.37
C VAL A 191 -3.94 -10.90 -21.09
N MET A 192 -4.33 -10.17 -22.14
CA MET A 192 -5.60 -10.51 -22.78
C MET A 192 -5.54 -11.84 -23.52
N ASP A 193 -4.34 -12.32 -23.89
CA ASP A 193 -4.19 -13.57 -24.61
C ASP A 193 -3.87 -14.78 -23.71
N MET A 194 -3.87 -14.61 -22.39
CA MET A 194 -3.54 -15.74 -21.51
C MET A 194 -4.51 -16.89 -21.78
N PRO A 195 -4.02 -18.12 -22.00
CA PRO A 195 -4.94 -19.27 -22.09
C PRO A 195 -5.69 -19.48 -20.78
N LYS A 196 -6.77 -20.25 -20.88
CA LYS A 196 -7.61 -20.53 -19.72
C LYS A 196 -6.81 -21.12 -18.56
N SER A 197 -5.92 -22.08 -18.83
CA SER A 197 -5.21 -22.73 -17.71
C SER A 197 -4.28 -21.76 -16.98
N LEU A 198 -3.56 -20.92 -17.73
CA LEU A 198 -2.70 -19.93 -17.09
C LEU A 198 -3.53 -18.89 -16.32
N CYS A 199 -4.70 -18.54 -16.85
CA CYS A 199 -5.61 -17.67 -16.12
C CYS A 199 -6.05 -18.32 -14.79
N ALA A 200 -6.40 -19.61 -14.84
CA ALA A 200 -6.85 -20.32 -13.64
C ALA A 200 -5.74 -20.50 -12.62
N PHE A 201 -4.57 -20.98 -13.06
CA PHE A 201 -3.48 -21.23 -12.14
C PHE A 201 -2.98 -19.95 -11.51
N GLY A 202 -2.81 -18.90 -12.32
CA GLY A 202 -2.38 -17.61 -11.78
C GLY A 202 -3.40 -17.03 -10.81
N GLY A 203 -4.70 -17.15 -11.12
CA GLY A 203 -5.71 -16.57 -10.25
C GLY A 203 -5.80 -17.24 -8.90
N LEU A 204 -5.67 -18.56 -8.88
CA LEU A 204 -5.76 -19.30 -7.61
C LEU A 204 -4.47 -19.21 -6.80
N ASP A 205 -3.32 -19.03 -7.49
CA ASP A 205 -2.11 -18.57 -6.81
C ASP A 205 -2.37 -17.26 -6.07
N ALA A 206 -2.99 -16.28 -6.74
CA ALA A 206 -3.31 -15.00 -6.11
C ALA A 206 -4.30 -15.18 -4.96
N VAL A 207 -5.32 -16.03 -5.16
CA VAL A 207 -6.24 -16.32 -4.05
C VAL A 207 -5.46 -16.85 -2.86
N THR A 208 -4.54 -17.81 -3.12
CA THR A 208 -3.78 -18.45 -2.05
C THR A 208 -2.86 -17.45 -1.34
N HIS A 209 -2.17 -16.59 -2.10
CA HIS A 209 -1.38 -15.53 -1.47
C HIS A 209 -2.21 -14.73 -0.50
N ALA A 210 -3.38 -14.26 -0.95
CA ALA A 210 -4.18 -13.38 -0.10
C ALA A 210 -4.75 -14.14 1.10
N MET A 211 -5.16 -15.38 0.88
CA MET A 211 -5.68 -16.22 1.96
C MET A 211 -4.60 -16.50 3.01
N GLU A 212 -3.39 -16.84 2.57
CA GLU A 212 -2.35 -17.14 3.54
C GLU A 212 -1.85 -15.87 4.24
N ALA A 213 -1.75 -14.75 3.50
CA ALA A 213 -1.33 -13.48 4.11
C ALA A 213 -2.31 -13.02 5.18
N TYR A 214 -3.61 -13.30 4.99
CA TYR A 214 -4.61 -12.82 5.95
C TYR A 214 -4.52 -13.57 7.28
N VAL A 215 -4.19 -14.86 7.26
CA VAL A 215 -4.13 -15.66 8.49
C VAL A 215 -2.71 -15.86 8.99
N SER A 216 -1.72 -15.31 8.30
CA SER A 216 -0.34 -15.35 8.77
C SER A 216 -0.21 -14.74 10.16
N VAL A 217 0.75 -15.27 10.94
CA VAL A 217 1.01 -14.65 12.24
C VAL A 217 1.62 -13.26 12.07
N LEU A 218 2.09 -12.91 10.86
CA LEU A 218 2.62 -11.58 10.62
C LEU A 218 1.62 -10.68 9.94
N ALA A 219 0.36 -11.10 9.82
CA ALA A 219 -0.68 -10.22 9.29
C ALA A 219 -0.76 -8.97 10.14
N SER A 220 -1.07 -7.83 9.51
CA SER A 220 -1.18 -6.58 10.25
C SER A 220 -2.33 -5.77 9.69
N GLU A 221 -2.66 -4.68 10.39
CA GLU A 221 -3.68 -3.76 9.92
C GLU A 221 -3.30 -3.09 8.60
N PHE A 222 -2.02 -3.10 8.19
CA PHE A 222 -1.63 -2.50 6.92
C PHE A 222 -1.72 -3.48 5.74
N SER A 223 -1.60 -4.78 5.99
CA SER A 223 -1.78 -5.81 4.95
C SER A 223 -3.21 -6.34 4.86
N ASP A 224 -3.92 -6.39 5.99
CA ASP A 224 -5.23 -7.07 6.06
C ASP A 224 -6.20 -6.56 5.01
N GLY A 225 -6.34 -5.24 4.90
CA GLY A 225 -7.29 -4.69 3.93
C GLY A 225 -6.93 -5.00 2.49
N GLN A 226 -5.64 -5.10 2.18
CA GLN A 226 -5.28 -5.48 0.80
C GLN A 226 -5.52 -6.95 0.55
N ALA A 227 -5.25 -7.81 1.53
CA ALA A 227 -5.57 -9.24 1.35
C ALA A 227 -7.07 -9.42 1.09
N LEU A 228 -7.91 -8.72 1.85
CA LEU A 228 -9.35 -8.86 1.68
C LEU A 228 -9.81 -8.30 0.34
N GLN A 229 -9.22 -7.19 -0.10
CA GLN A 229 -9.58 -6.59 -1.39
C GLN A 229 -9.18 -7.49 -2.54
N ALA A 230 -7.99 -8.07 -2.49
CA ALA A 230 -7.60 -9.06 -3.49
C ALA A 230 -8.62 -10.20 -3.56
N LEU A 231 -8.99 -10.76 -2.41
CA LEU A 231 -9.95 -11.86 -2.41
C LEU A 231 -11.29 -11.44 -3.00
N LYS A 232 -11.76 -10.24 -2.65
CA LYS A 232 -13.05 -9.78 -3.17
C LYS A 232 -12.99 -9.60 -4.69
N LEU A 233 -11.94 -8.96 -5.20
CA LEU A 233 -11.79 -8.81 -6.64
C LEU A 233 -11.72 -10.16 -7.35
N LEU A 234 -10.98 -11.11 -6.77
CA LEU A 234 -10.85 -12.43 -7.38
C LEU A 234 -12.19 -13.16 -7.37
N LYS A 235 -12.90 -13.15 -6.23
CA LYS A 235 -14.26 -13.68 -6.21
C LYS A 235 -15.13 -13.06 -7.29
N GLU A 236 -15.03 -11.75 -7.47
CA GLU A 236 -16.02 -11.12 -8.36
C GLU A 236 -15.65 -11.18 -9.84
N TYR A 237 -14.37 -11.36 -10.17
CA TYR A 237 -13.92 -11.22 -11.57
C TYR A 237 -13.17 -12.40 -12.14
N LEU A 238 -12.60 -13.27 -11.32
CA LEU A 238 -11.84 -14.41 -11.84
C LEU A 238 -12.69 -15.35 -12.69
N PRO A 239 -13.92 -15.74 -12.29
CA PRO A 239 -14.72 -16.61 -13.16
C PRO A 239 -14.96 -16.00 -14.54
N ALA A 240 -15.33 -14.72 -14.60
CA ALA A 240 -15.56 -14.07 -15.89
C ALA A 240 -14.26 -13.91 -16.68
N SER A 241 -13.17 -13.55 -16.02
CA SER A 241 -11.88 -13.51 -16.69
C SER A 241 -11.56 -14.86 -17.33
N TYR A 242 -11.79 -15.94 -16.58
CA TYR A 242 -11.53 -17.28 -17.10
C TYR A 242 -12.45 -17.63 -18.25
N HIS A 243 -13.76 -17.45 -18.06
CA HIS A 243 -14.73 -17.90 -19.07
C HIS A 243 -14.71 -17.01 -20.32
N GLU A 244 -14.61 -15.70 -20.14
CA GLU A 244 -14.81 -14.76 -21.25
C GLU A 244 -13.51 -14.23 -21.85
N GLY A 245 -12.41 -14.26 -21.09
CA GLY A 245 -11.14 -13.84 -21.64
C GLY A 245 -11.13 -12.39 -22.13
N SER A 246 -10.55 -12.20 -23.31
CA SER A 246 -10.44 -10.86 -23.91
C SER A 246 -11.79 -10.21 -24.20
N LYS A 247 -12.88 -10.99 -24.26
CA LYS A 247 -14.20 -10.38 -24.46
C LYS A 247 -14.66 -9.56 -23.25
N ASN A 248 -14.01 -9.75 -22.11
CA ASN A 248 -14.32 -9.01 -20.88
C ASN A 248 -13.01 -8.40 -20.37
N PRO A 249 -12.55 -7.31 -21.01
CA PRO A 249 -11.28 -6.70 -20.57
C PRO A 249 -11.31 -6.17 -19.15
N VAL A 250 -12.47 -5.70 -18.68
CA VAL A 250 -12.56 -5.21 -17.31
C VAL A 250 -12.25 -6.34 -16.32
N ALA A 251 -12.78 -7.55 -16.58
CA ALA A 251 -12.50 -8.66 -15.67
C ALA A 251 -11.03 -9.05 -15.69
N ARG A 252 -10.42 -9.14 -16.89
CA ARG A 252 -8.98 -9.40 -16.97
C ARG A 252 -8.21 -8.32 -16.23
N GLU A 253 -8.64 -7.06 -16.37
CA GLU A 253 -7.93 -5.96 -15.72
C GLU A 253 -8.08 -6.02 -14.20
N ARG A 254 -9.29 -6.31 -13.72
CA ARG A 254 -9.51 -6.43 -12.27
C ARG A 254 -8.66 -7.55 -11.66
N VAL A 255 -8.60 -8.70 -12.32
CA VAL A 255 -7.81 -9.81 -11.77
C VAL A 255 -6.31 -9.50 -11.82
N HIS A 256 -5.85 -8.82 -12.88
CA HIS A 256 -4.45 -8.39 -12.94
C HIS A 256 -4.10 -7.46 -11.77
N SER A 257 -4.97 -6.50 -11.45
CA SER A 257 -4.68 -5.69 -10.26
C SER A 257 -4.75 -6.52 -8.99
N ALA A 258 -5.72 -7.44 -8.90
CA ALA A 258 -5.92 -8.23 -7.69
C ALA A 258 -4.69 -9.08 -7.36
N ALA A 259 -4.02 -9.62 -8.39
CA ALA A 259 -2.82 -10.43 -8.12
C ALA A 259 -1.69 -9.56 -7.55
N THR A 260 -1.57 -8.33 -8.04
CA THR A 260 -0.58 -7.41 -7.46
C THR A 260 -0.96 -7.00 -6.04
N ILE A 261 -2.26 -6.78 -5.82
CA ILE A 261 -2.71 -6.40 -4.48
C ILE A 261 -2.48 -7.54 -3.49
N ALA A 262 -2.71 -8.78 -3.94
CA ALA A 262 -2.31 -9.92 -3.11
C ALA A 262 -0.81 -9.94 -2.86
N GLY A 263 -0.02 -9.56 -3.87
CA GLY A 263 1.41 -9.41 -3.68
C GLY A 263 1.76 -8.41 -2.59
N ILE A 264 1.09 -7.24 -2.59
CA ILE A 264 1.34 -6.25 -1.54
C ILE A 264 1.17 -6.87 -0.15
N ALA A 265 0.09 -7.63 0.03
CA ALA A 265 -0.18 -8.25 1.33
C ALA A 265 0.91 -9.26 1.70
N PHE A 266 1.21 -10.22 0.81
CA PHE A 266 2.13 -11.27 1.22
C PHE A 266 3.60 -10.84 1.16
N ALA A 267 3.93 -9.78 0.40
CA ALA A 267 5.28 -9.20 0.51
C ALA A 267 5.57 -8.78 1.94
N ASN A 268 4.53 -8.44 2.71
CA ASN A 268 4.72 -7.91 4.05
C ASN A 268 4.27 -8.86 5.14
N ALA A 269 3.25 -9.68 4.88
CA ALA A 269 2.72 -10.62 5.87
C ALA A 269 3.16 -12.05 5.64
N PHE A 270 3.71 -12.35 4.46
CA PHE A 270 4.22 -13.67 4.08
C PHE A 270 3.08 -14.67 3.93
N LEU A 271 3.37 -15.98 3.97
CA LEU A 271 2.38 -16.99 3.54
C LEU A 271 2.15 -18.06 4.59
N GLY A 272 2.17 -19.33 4.20
CA GLY A 272 1.92 -20.39 5.15
C GLY A 272 2.21 -21.73 4.51
N VAL A 273 1.71 -22.80 5.15
CA VAL A 273 2.06 -24.15 4.73
C VAL A 273 1.44 -24.53 3.39
N CYS A 274 0.47 -23.79 2.88
CA CYS A 274 -0.04 -24.18 1.56
C CYS A 274 1.06 -23.97 0.53
N HIS A 275 1.76 -22.85 0.62
CA HIS A 275 2.89 -22.61 -0.26
C HIS A 275 4.06 -23.53 0.05
N SER A 276 4.32 -23.78 1.33
CA SER A 276 5.32 -24.77 1.71
C SER A 276 5.13 -26.09 0.96
N MET A 277 3.92 -26.65 1.02
CA MET A 277 3.68 -27.93 0.37
C MET A 277 3.60 -27.80 -1.14
N ALA A 278 3.10 -26.66 -1.65
CA ALA A 278 3.01 -26.47 -3.09
C ALA A 278 4.39 -26.39 -3.74
N HIS A 279 5.33 -25.71 -3.08
CA HIS A 279 6.71 -25.68 -3.56
C HIS A 279 7.23 -27.08 -3.79
N LYS A 280 6.99 -27.97 -2.82
CA LYS A 280 7.58 -29.31 -2.91
C LYS A 280 6.86 -30.18 -3.94
N LEU A 281 5.54 -30.06 -4.05
CA LEU A 281 4.84 -30.72 -5.15
C LEU A 281 5.39 -30.24 -6.48
N GLY A 282 5.54 -28.92 -6.63
CA GLY A 282 5.97 -28.36 -7.90
C GLY A 282 7.35 -28.83 -8.33
N SER A 283 8.31 -28.86 -7.40
CA SER A 283 9.66 -29.23 -7.80
C SER A 283 9.78 -30.74 -8.01
N GLN A 284 9.07 -31.53 -7.21
CA GLN A 284 9.16 -32.99 -7.32
C GLN A 284 8.43 -33.52 -8.55
N PHE A 285 7.20 -33.04 -8.78
CA PHE A 285 6.35 -33.59 -9.83
C PHE A 285 6.13 -32.62 -10.98
N HIS A 286 6.76 -31.45 -10.95
CA HIS A 286 6.67 -30.45 -12.04
C HIS A 286 5.23 -30.03 -12.26
N ILE A 287 4.50 -29.88 -11.16
CA ILE A 287 3.14 -29.33 -11.20
C ILE A 287 3.25 -27.81 -11.21
N PRO A 288 2.51 -27.10 -12.07
CA PRO A 288 2.55 -25.64 -12.04
C PRO A 288 2.22 -25.09 -10.65
N HIS A 289 2.90 -24.01 -10.29
CA HIS A 289 2.84 -23.49 -8.93
C HIS A 289 1.39 -23.19 -8.53
N GLY A 290 0.65 -22.48 -9.38
CA GLY A 290 -0.72 -22.13 -9.04
C GLY A 290 -1.65 -23.31 -8.95
N LEU A 291 -1.41 -24.36 -9.76
CA LEU A 291 -2.22 -25.56 -9.67
C LEU A 291 -1.93 -26.32 -8.37
N ALA A 292 -0.65 -26.41 -7.99
CA ALA A 292 -0.33 -27.07 -6.73
C ALA A 292 -1.01 -26.36 -5.57
N ASN A 293 -0.97 -25.02 -5.55
CA ASN A 293 -1.68 -24.27 -4.50
C ASN A 293 -3.17 -24.52 -4.55
N ALA A 294 -3.75 -24.53 -5.76
CA ALA A 294 -5.18 -24.77 -5.90
C ALA A 294 -5.57 -26.13 -5.32
N LEU A 295 -4.71 -27.16 -5.50
CA LEU A 295 -5.05 -28.50 -5.04
C LEU A 295 -5.03 -28.60 -3.52
N LEU A 296 -4.19 -27.80 -2.86
CA LEU A 296 -3.94 -27.90 -1.42
C LEU A 296 -4.71 -26.89 -0.58
N ILE A 297 -5.11 -25.74 -1.11
CA ILE A 297 -5.52 -24.63 -0.23
C ILE A 297 -6.72 -25.03 0.64
N CYS A 298 -7.65 -25.82 0.08
CA CYS A 298 -8.88 -26.06 0.82
C CYS A 298 -8.62 -26.95 2.04
N ASN A 299 -7.72 -27.92 1.89
CA ASN A 299 -7.31 -28.75 3.02
C ASN A 299 -6.41 -27.98 3.98
N VAL A 300 -5.64 -26.99 3.51
CA VAL A 300 -4.85 -26.18 4.43
C VAL A 300 -5.76 -25.33 5.31
N ILE A 301 -6.84 -24.79 4.73
CA ILE A 301 -7.83 -24.07 5.53
C ILE A 301 -8.46 -24.99 6.58
N ARG A 302 -8.88 -26.19 6.18
CA ARG A 302 -9.45 -27.14 7.14
C ARG A 302 -8.45 -27.41 8.27
N TYR A 303 -7.18 -27.53 7.92
CA TYR A 303 -6.15 -27.76 8.92
C TYR A 303 -5.96 -26.53 9.83
N ASN A 304 -5.74 -25.37 9.24
CA ASN A 304 -5.48 -24.19 10.04
C ASN A 304 -6.69 -23.78 10.88
N ALA A 305 -7.90 -24.12 10.44
CA ALA A 305 -9.12 -23.76 11.15
C ALA A 305 -9.34 -24.58 12.40
N ASN A 306 -8.46 -25.54 12.69
CA ASN A 306 -8.55 -26.27 13.94
C ASN A 306 -7.63 -25.63 14.98
N GLN A 322 -5.90 -15.86 15.86
CA GLN A 322 -6.49 -17.20 15.75
C GLN A 322 -7.17 -17.46 14.40
N ALA A 323 -6.73 -18.53 13.73
CA ALA A 323 -6.99 -18.71 12.30
C ALA A 323 -8.48 -18.89 11.99
N ARG A 324 -9.21 -19.67 12.80
CA ARG A 324 -10.60 -19.94 12.43
C ARG A 324 -11.44 -18.66 12.47
N ARG A 325 -11.20 -17.76 13.43
CA ARG A 325 -11.90 -16.48 13.40
C ARG A 325 -11.56 -15.68 12.15
N ARG A 326 -10.28 -15.69 11.73
CA ARG A 326 -9.89 -14.95 10.54
C ARG A 326 -10.55 -15.52 9.29
N TYR A 327 -10.62 -16.84 9.17
CA TYR A 327 -11.30 -17.41 8.02
C TYR A 327 -12.77 -16.99 7.98
N ALA A 328 -13.43 -16.94 9.15
CA ALA A 328 -14.82 -16.48 9.20
C ALA A 328 -14.95 -15.02 8.74
N GLU A 329 -13.98 -14.18 9.12
CA GLU A 329 -13.99 -12.78 8.68
C GLU A 329 -13.89 -12.69 7.16
N ILE A 330 -13.09 -13.56 6.54
CA ILE A 330 -13.02 -13.58 5.08
C ILE A 330 -14.38 -13.92 4.49
N ALA A 331 -15.04 -14.95 5.02
CA ALA A 331 -16.37 -15.33 4.55
C ALA A 331 -17.35 -14.17 4.69
N ASP A 332 -17.32 -13.48 5.84
CA ASP A 332 -18.14 -12.27 6.00
C ASP A 332 -17.81 -11.24 4.92
N HIS A 333 -16.51 -10.99 4.69
CA HIS A 333 -16.10 -9.99 3.71
C HIS A 333 -16.56 -10.34 2.32
N LEU A 334 -16.53 -11.62 1.96
CA LEU A 334 -16.91 -12.05 0.63
C LEU A 334 -18.43 -12.22 0.46
N GLY A 335 -19.21 -11.86 1.48
CA GLY A 335 -20.65 -12.02 1.38
C GLY A 335 -21.13 -13.44 1.38
N LEU A 336 -20.35 -14.37 1.94
CA LEU A 336 -20.68 -15.78 1.87
C LEU A 336 -21.44 -16.27 3.09
N SER A 337 -21.41 -15.52 4.19
CA SER A 337 -22.11 -15.93 5.39
C SER A 337 -23.58 -15.51 5.32
N ALA A 338 -24.38 -16.12 6.18
CA ALA A 338 -25.78 -15.79 6.35
C ALA A 338 -26.05 -15.28 7.76
N PRO A 339 -27.17 -14.58 7.97
CA PRO A 339 -27.58 -14.24 9.34
C PRO A 339 -27.61 -15.46 10.26
N GLY A 340 -27.03 -15.29 11.44
CA GLY A 340 -27.02 -16.35 12.42
C GLY A 340 -26.06 -17.47 12.14
N ASP A 341 -25.16 -17.32 11.17
CA ASP A 341 -24.06 -18.27 11.03
C ASP A 341 -23.09 -18.11 12.17
N ARG A 342 -22.60 -19.22 12.69
CA ARG A 342 -21.49 -19.21 13.61
C ARG A 342 -20.22 -19.54 12.83
N THR A 343 -19.08 -19.51 13.55
CA THR A 343 -17.78 -19.60 12.88
C THR A 343 -17.69 -20.82 11.98
N ALA A 344 -18.03 -22.00 12.52
CA ALA A 344 -17.90 -23.26 11.77
C ALA A 344 -18.66 -23.19 10.45
N ALA A 345 -19.89 -22.69 10.49
CA ALA A 345 -20.70 -22.60 9.28
C ALA A 345 -20.11 -21.61 8.28
N LYS A 346 -19.57 -20.49 8.77
CA LYS A 346 -18.96 -19.50 7.86
C LYS A 346 -17.75 -20.09 7.15
N ILE A 347 -16.94 -20.87 7.86
CA ILE A 347 -15.78 -21.50 7.23
C ILE A 347 -16.24 -22.54 6.20
N GLU A 348 -17.29 -23.30 6.54
CA GLU A 348 -17.84 -24.24 5.57
C GLU A 348 -18.30 -23.52 4.31
N LYS A 349 -18.91 -22.33 4.47
CA LYS A 349 -19.33 -21.58 3.29
C LYS A 349 -18.12 -21.01 2.52
N LEU A 350 -17.05 -20.66 3.24
CA LEU A 350 -15.83 -20.24 2.54
C LEU A 350 -15.25 -21.39 1.74
N LEU A 351 -15.21 -22.59 2.33
CA LEU A 351 -14.71 -23.76 1.62
C LEU A 351 -15.60 -24.12 0.44
N ALA A 352 -16.93 -24.04 0.62
CA ALA A 352 -17.82 -24.35 -0.50
C ALA A 352 -17.63 -23.38 -1.65
N TRP A 353 -17.39 -22.09 -1.35
CA TRP A 353 -17.14 -21.14 -2.44
C TRP A 353 -15.85 -21.49 -3.19
N LEU A 354 -14.79 -21.84 -2.45
CA LEU A 354 -13.53 -22.18 -3.08
C LEU A 354 -13.64 -23.42 -3.95
N GLU A 355 -14.32 -24.45 -3.47
CA GLU A 355 -14.48 -25.68 -4.25
C GLU A 355 -15.27 -25.41 -5.52
N THR A 356 -16.30 -24.55 -5.44
CA THR A 356 -17.06 -24.22 -6.64
C THR A 356 -16.22 -23.40 -7.62
N LEU A 357 -15.39 -22.48 -7.12
CA LEU A 357 -14.49 -21.72 -7.99
C LEU A 357 -13.49 -22.65 -8.68
N LYS A 358 -12.86 -23.55 -7.92
CA LYS A 358 -11.94 -24.52 -8.52
C LYS A 358 -12.61 -25.33 -9.63
N ALA A 359 -13.81 -25.86 -9.35
CA ALA A 359 -14.51 -26.67 -10.34
C ALA A 359 -14.76 -25.88 -11.63
N GLU A 360 -15.22 -24.65 -11.50
CA GLU A 360 -15.52 -23.94 -12.73
C GLU A 360 -14.27 -23.45 -13.44
N LEU A 361 -13.12 -23.39 -12.74
CA LEU A 361 -11.85 -23.10 -13.40
C LEU A 361 -11.17 -24.36 -13.91
N GLY A 362 -11.86 -25.50 -13.88
CA GLY A 362 -11.32 -26.73 -14.40
C GLY A 362 -10.20 -27.32 -13.57
N ILE A 363 -10.10 -26.98 -12.30
CA ILE A 363 -9.08 -27.57 -11.43
C ILE A 363 -9.50 -29.01 -11.08
N PRO A 364 -8.60 -29.99 -11.18
CA PRO A 364 -8.95 -31.35 -10.78
C PRO A 364 -9.25 -31.46 -9.28
N LYS A 365 -9.85 -32.59 -8.91
CA LYS A 365 -10.30 -32.79 -7.53
C LYS A 365 -9.22 -33.38 -6.63
N SER A 366 -8.06 -33.76 -7.18
CA SER A 366 -7.03 -34.44 -6.42
C SER A 366 -5.72 -34.34 -7.19
N ILE A 367 -4.60 -34.58 -6.50
CA ILE A 367 -3.30 -34.62 -7.16
C ILE A 367 -3.23 -35.82 -8.11
N ARG A 368 -3.92 -36.93 -7.79
CA ARG A 368 -3.99 -38.06 -8.70
C ARG A 368 -4.55 -37.65 -10.06
N GLU A 369 -5.68 -36.94 -10.06
CA GLU A 369 -6.27 -36.49 -11.32
C GLU A 369 -5.47 -35.38 -11.97
N ALA A 370 -4.46 -34.83 -11.29
CA ALA A 370 -3.49 -33.90 -11.87
C ALA A 370 -2.37 -34.60 -12.61
N GLY A 371 -2.30 -35.93 -12.58
CA GLY A 371 -1.33 -36.68 -13.36
C GLY A 371 -0.22 -37.35 -12.58
N VAL A 372 -0.22 -37.27 -11.25
CA VAL A 372 0.78 -37.96 -10.45
C VAL A 372 0.21 -39.34 -10.07
N GLN A 373 0.95 -40.40 -10.38
CA GLN A 373 0.48 -41.72 -9.95
C GLN A 373 0.99 -42.12 -8.58
N GLU A 374 0.27 -43.11 -8.05
CA GLU A 374 0.27 -43.43 -6.63
C GLU A 374 1.64 -43.88 -6.15
N ALA A 375 2.27 -44.81 -6.87
CA ALA A 375 3.54 -45.37 -6.41
C ALA A 375 4.62 -44.31 -6.28
N ASP A 376 4.73 -43.41 -7.28
CA ASP A 376 5.68 -42.31 -7.19
C ASP A 376 5.36 -41.38 -6.03
N PHE A 377 4.08 -41.08 -5.81
CA PHE A 377 3.72 -40.18 -4.73
C PHE A 377 4.04 -40.80 -3.38
N LEU A 378 3.69 -42.07 -3.19
CA LEU A 378 3.96 -42.72 -1.91
C LEU A 378 5.46 -42.83 -1.65
N ALA A 379 6.26 -42.98 -2.69
CA ALA A 379 7.70 -43.11 -2.52
C ALA A 379 8.35 -41.81 -2.05
N ASN A 380 7.73 -40.66 -2.34
CA ASN A 380 8.31 -39.36 -2.02
C ASN A 380 7.57 -38.58 -0.94
N VAL A 381 6.41 -39.07 -0.46
CA VAL A 381 5.57 -38.27 0.42
C VAL A 381 6.27 -37.97 1.74
N ASP A 382 7.13 -38.86 2.21
CA ASP A 382 7.82 -38.60 3.47
C ASP A 382 8.84 -37.48 3.32
N LYS A 383 9.64 -37.54 2.25
CA LYS A 383 10.58 -36.47 1.95
C LYS A 383 9.85 -35.15 1.69
N LEU A 384 8.73 -35.20 0.98
CA LEU A 384 7.94 -33.99 0.72
C LEU A 384 7.49 -33.35 2.03
N SER A 385 7.00 -34.16 2.97
CA SER A 385 6.50 -33.62 4.23
CA SER A 385 6.50 -33.62 4.23
C SER A 385 7.61 -32.98 5.04
N GLU A 386 8.79 -33.61 5.09
CA GLU A 386 9.93 -33.04 5.80
C GLU A 386 10.37 -31.74 5.14
N ASP A 387 10.49 -31.75 3.82
CA ASP A 387 10.96 -30.57 3.09
C ASP A 387 9.97 -29.41 3.22
N ALA A 388 8.67 -29.69 3.16
CA ALA A 388 7.69 -28.64 3.36
C ALA A 388 7.81 -28.05 4.77
N PHE A 389 8.04 -28.90 5.77
CA PHE A 389 8.20 -28.39 7.13
C PHE A 389 9.33 -27.38 7.21
N ASP A 390 10.47 -27.69 6.58
CA ASP A 390 11.64 -26.83 6.60
C ASP A 390 11.48 -25.60 5.71
N ASP A 391 10.44 -25.53 4.89
CA ASP A 391 10.23 -24.41 3.99
C ASP A 391 9.93 -23.14 4.79
N GLN A 392 10.30 -22.00 4.22
CA GLN A 392 10.55 -20.90 5.13
C GLN A 392 9.14 -20.32 5.37
N CYS A 393 8.23 -20.53 4.41
CA CYS A 393 6.83 -20.12 4.49
C CYS A 393 6.10 -20.82 5.62
N THR A 394 6.68 -21.90 6.17
CA THR A 394 6.03 -22.62 7.25
C THR A 394 6.02 -21.77 8.52
N GLY A 395 7.06 -20.98 8.74
CA GLY A 395 7.17 -20.23 10.00
C GLY A 395 6.06 -19.23 10.21
N ALA A 396 5.48 -18.70 9.12
CA ALA A 396 4.39 -17.72 9.21
C ALA A 396 3.01 -18.36 9.35
N ASN A 397 2.89 -19.67 9.14
CA ASN A 397 1.60 -20.33 9.23
C ASN A 397 1.04 -20.21 10.64
N PRO A 398 -0.27 -19.96 10.80
CA PRO A 398 -0.81 -19.77 12.16
C PRO A 398 -0.78 -21.03 13.00
N ARG A 399 -0.71 -22.20 12.39
CA ARG A 399 -0.62 -23.46 13.12
C ARG A 399 0.78 -24.02 12.91
N TYR A 400 1.50 -24.22 14.00
CA TYR A 400 2.82 -24.81 13.91
C TYR A 400 2.64 -26.29 13.60
N PRO A 401 3.11 -26.77 12.46
CA PRO A 401 2.80 -28.14 12.05
C PRO A 401 3.74 -29.19 12.61
N LEU A 402 3.20 -30.40 12.73
CA LEU A 402 4.01 -31.60 12.82
C LEU A 402 4.20 -32.16 11.41
N ILE A 403 5.35 -32.80 11.20
CA ILE A 403 5.60 -33.42 9.90
C ILE A 403 4.54 -34.46 9.60
N SER A 404 4.18 -35.24 10.61
CA SER A 404 2.99 -36.11 10.64
C SER A 404 1.75 -35.47 10.01
N GLU A 405 1.47 -34.23 10.38
CA GLU A 405 0.24 -33.58 9.90
C GLU A 405 0.37 -33.16 8.44
N LEU A 406 1.53 -32.64 8.04
CA LEU A 406 1.72 -32.30 6.63
C LEU A 406 1.60 -33.53 5.73
N LYS A 407 2.12 -34.67 6.20
CA LYS A 407 1.98 -35.91 5.45
C LYS A 407 0.52 -36.30 5.27
N GLN A 408 -0.30 -36.14 6.32
CA GLN A 408 -1.72 -36.45 6.19
C GLN A 408 -2.39 -35.54 5.17
N ILE A 409 -2.08 -34.23 5.20
CA ILE A 409 -2.65 -33.30 4.23
C ILE A 409 -2.29 -33.72 2.82
N LEU A 410 -1.02 -34.10 2.61
CA LEU A 410 -0.58 -34.48 1.27
C LEU A 410 -1.31 -35.71 0.77
N LEU A 411 -1.43 -36.74 1.62
CA LEU A 411 -2.14 -37.96 1.24
C LEU A 411 -3.62 -37.68 0.98
N ASP A 412 -4.27 -36.94 1.88
CA ASP A 412 -5.68 -36.58 1.65
C ASP A 412 -5.84 -35.85 0.32
N THR A 413 -4.92 -34.94 0.01
CA THR A 413 -5.02 -34.17 -1.22
C THR A 413 -4.73 -35.03 -2.45
N TYR A 414 -3.82 -36.00 -2.31
CA TYR A 414 -3.57 -36.91 -3.42
C TYR A 414 -4.85 -37.67 -3.78
N TYR A 415 -5.55 -38.21 -2.78
CA TYR A 415 -6.69 -39.09 -3.00
C TYR A 415 -8.02 -38.35 -3.10
N GLY A 416 -8.04 -37.03 -2.94
CA GLY A 416 -9.27 -36.28 -3.04
C GLY A 416 -10.15 -36.30 -1.81
N ARG A 417 -9.59 -36.58 -0.64
CA ARG A 417 -10.36 -36.53 0.59
C ARG A 417 -10.23 -35.16 1.25
N ASP A 418 -11.27 -34.77 1.96
CA ASP A 418 -11.19 -33.62 2.85
C ASP A 418 -10.36 -33.98 4.06
N TYR A 419 -9.44 -33.10 4.44
CA TYR A 419 -8.68 -33.26 5.66
C TYR A 419 -9.62 -33.17 6.85
N VAL A 420 -9.53 -34.12 7.78
CA VAL A 420 -10.31 -34.11 9.00
C VAL A 420 -9.40 -34.47 10.17
N GLU A 421 -9.58 -33.77 11.28
CA GLU A 421 -8.71 -33.93 12.44
C GLU A 421 -9.14 -35.10 13.32
N MET B 3 -4.76 5.91 -16.91
CA MET B 3 -3.89 5.18 -16.01
C MET B 3 -3.87 5.70 -14.57
N LEU B 4 -3.84 4.78 -13.62
CA LEU B 4 -3.80 5.09 -12.21
C LEU B 4 -2.50 4.60 -11.58
N TRP B 5 -2.27 4.98 -10.33
CA TRP B 5 -1.02 4.63 -9.64
C TRP B 5 -1.28 4.41 -8.16
N HIS B 6 -0.31 3.75 -7.52
CA HIS B 6 -0.30 3.59 -6.07
C HIS B 6 1.13 3.95 -5.65
N LYS B 7 1.30 5.09 -5.00
CA LYS B 7 2.62 5.66 -4.72
C LYS B 7 2.68 6.02 -3.25
N LEU B 8 3.67 5.47 -2.56
CA LEU B 8 3.78 5.55 -1.10
C LEU B 8 5.25 5.68 -0.75
N PRO B 9 5.59 6.02 0.50
CA PRO B 9 6.98 5.85 0.93
C PRO B 9 7.36 4.39 0.79
N LYS B 10 8.60 4.18 0.38
CA LYS B 10 9.20 2.85 0.32
C LYS B 10 9.02 2.07 1.62
N SER B 11 9.05 2.77 2.76
CA SER B 11 8.99 2.12 4.06
C SER B 11 8.07 2.89 4.98
N ILE B 12 7.14 2.17 5.58
CA ILE B 12 6.30 2.69 6.65
C ILE B 12 6.52 1.75 7.82
N TYR B 13 7.07 2.27 8.90
CA TYR B 13 7.28 1.51 10.12
C TYR B 13 6.22 1.89 11.13
N PHE B 14 5.66 0.90 11.83
CA PHE B 14 4.54 1.19 12.73
C PHE B 14 4.54 0.22 13.90
N ARG B 15 3.61 0.47 14.83
CA ARG B 15 3.43 -0.11 16.16
C ARG B 15 4.24 0.67 17.20
N ARG B 16 3.85 0.57 18.48
CA ARG B 16 4.60 1.19 19.56
C ARG B 16 6.06 0.75 19.51
N GLY B 17 6.97 1.69 19.73
CA GLY B 17 8.38 1.39 19.77
C GLY B 17 9.07 1.32 18.43
N SER B 18 8.35 1.60 17.34
CA SER B 18 8.98 1.55 16.03
C SER B 18 9.97 2.69 15.83
N LEU B 19 9.84 3.82 16.55
CA LEU B 19 10.73 4.95 16.31
C LEU B 19 12.20 4.60 16.50
N PRO B 20 12.65 4.09 17.66
CA PRO B 20 14.09 3.75 17.79
C PRO B 20 14.57 2.71 16.81
N ILE B 21 13.72 1.76 16.41
CA ILE B 21 14.16 0.74 15.47
C ILE B 21 14.30 1.31 14.07
N ALA B 22 13.36 2.15 13.64
CA ALA B 22 13.50 2.81 12.35
C ALA B 22 14.72 3.71 12.30
N LEU B 23 15.01 4.41 13.41
CA LEU B 23 16.16 5.31 13.44
C LEU B 23 17.46 4.54 13.35
N ASP B 24 17.47 3.29 13.83
CA ASP B 24 18.67 2.48 13.67
C ASP B 24 18.95 2.18 12.20
N GLU B 25 17.89 2.01 11.41
CA GLU B 25 18.10 1.88 9.97
C GLU B 25 18.64 3.17 9.36
N VAL B 26 18.18 4.32 9.85
CA VAL B 26 18.73 5.60 9.39
C VAL B 26 20.22 5.65 9.68
N ILE B 27 20.62 5.15 10.85
CA ILE B 27 22.02 5.12 11.22
C ILE B 27 22.80 4.16 10.34
N THR B 28 22.30 2.93 10.18
CA THR B 28 23.02 1.94 9.38
C THR B 28 23.03 2.28 7.89
N ASP B 29 22.07 3.08 7.42
CA ASP B 29 22.14 3.59 6.05
C ASP B 29 23.26 4.62 5.86
N GLY B 30 23.92 5.04 6.93
CA GLY B 30 25.09 5.91 6.82
C GLY B 30 24.82 7.39 6.95
N HIS B 31 23.62 7.79 7.37
CA HIS B 31 23.32 9.20 7.55
C HIS B 31 24.09 9.78 8.72
N LYS B 32 24.71 10.93 8.52
CA LYS B 32 25.56 11.53 9.54
C LYS B 32 25.12 12.89 10.04
N ARG B 33 24.17 13.54 9.38
CA ARG B 33 23.73 14.88 9.78
C ARG B 33 22.22 14.95 9.63
N ALA B 34 21.50 15.07 10.75
CA ALA B 34 20.04 15.01 10.74
C ALA B 34 19.45 16.33 11.23
N LEU B 35 18.55 16.89 10.43
CA LEU B 35 17.81 18.09 10.78
C LEU B 35 16.38 17.69 11.15
N ILE B 36 15.98 17.97 12.39
CA ILE B 36 14.63 17.69 12.86
C ILE B 36 13.80 18.96 12.69
N VAL B 37 12.61 18.84 12.13
CA VAL B 37 11.73 19.98 11.87
C VAL B 37 10.46 19.75 12.65
N THR B 38 10.13 20.65 13.58
CA THR B 38 9.01 20.39 14.46
C THR B 38 8.42 21.73 14.93
N ASP B 39 7.48 21.68 15.88
CA ASP B 39 6.95 22.92 16.45
C ASP B 39 7.35 23.03 17.92
N ARG B 40 6.97 24.17 18.52
CA ARG B 40 7.46 24.53 19.84
C ARG B 40 6.92 23.61 20.92
N PHE B 41 5.63 23.25 20.86
CA PHE B 41 5.07 22.34 21.85
C PHE B 41 5.82 21.02 21.89
N LEU B 42 6.08 20.43 20.71
CA LEU B 42 6.75 19.13 20.65
C LEU B 42 8.22 19.23 21.08
N PHE B 43 8.90 20.31 20.70
CA PHE B 43 10.25 20.53 21.20
C PHE B 43 10.25 20.69 22.71
N ASN B 44 9.35 21.53 23.24
CA ASN B 44 9.36 21.85 24.66
C ASN B 44 9.02 20.65 25.52
N ASN B 45 8.27 19.68 24.99
CA ASN B 45 7.76 18.56 25.78
C ASN B 45 8.52 17.26 25.52
N GLY B 46 9.74 17.34 24.96
CA GLY B 46 10.61 16.18 24.87
C GLY B 46 10.41 15.30 23.64
N TYR B 47 9.53 15.68 22.71
CA TYR B 47 9.31 14.81 21.55
C TYR B 47 10.53 14.78 20.63
N ALA B 48 11.20 15.93 20.44
CA ALA B 48 12.39 15.93 19.60
C ALA B 48 13.53 15.14 20.25
N ASP B 49 13.60 15.15 21.58
CA ASP B 49 14.61 14.37 22.30
C ASP B 49 14.50 12.87 22.00
N GLN B 50 13.29 12.37 21.78
CA GLN B 50 13.13 10.96 21.44
C GLN B 50 13.89 10.61 20.16
N ILE B 51 14.04 11.57 19.25
CA ILE B 51 14.81 11.34 18.03
C ILE B 51 16.28 11.63 18.25
N THR B 52 16.61 12.80 18.80
CA THR B 52 18.00 13.24 18.84
C THR B 52 18.84 12.39 19.79
N SER B 53 18.24 11.83 20.84
CA SER B 53 19.03 11.00 21.76
C SER B 53 19.55 9.75 21.06
N VAL B 54 18.70 9.10 20.26
CA VAL B 54 19.13 7.90 19.55
C VAL B 54 20.21 8.25 18.53
N LEU B 55 20.00 9.34 17.77
CA LEU B 55 20.95 9.70 16.72
C LEU B 55 22.29 10.11 17.32
N LYS B 56 22.28 10.92 18.38
CA LYS B 56 23.54 11.37 18.97
C LYS B 56 24.34 10.21 19.56
N ALA B 57 23.65 9.24 20.17
CA ALA B 57 24.33 8.08 20.73
C ALA B 57 25.13 7.34 19.67
N ALA B 58 24.69 7.39 18.42
CA ALA B 58 25.39 6.74 17.33
C ALA B 58 26.34 7.68 16.59
N GLY B 59 26.60 8.87 17.14
CA GLY B 59 27.52 9.79 16.50
C GLY B 59 26.96 10.56 15.32
N VAL B 60 25.64 10.60 15.17
CA VAL B 60 24.99 11.45 14.17
C VAL B 60 24.88 12.87 14.69
N GLU B 61 25.29 13.84 13.88
CA GLU B 61 25.12 15.25 14.23
C GLU B 61 23.68 15.67 14.00
N THR B 62 23.10 16.38 14.97
CA THR B 62 21.68 16.73 14.90
C THR B 62 21.48 18.23 15.12
N GLU B 63 20.42 18.74 14.50
CA GLU B 63 19.97 20.12 14.65
C GLU B 63 18.45 20.10 14.69
N VAL B 64 17.85 20.94 15.52
CA VAL B 64 16.39 20.98 15.66
C VAL B 64 15.90 22.36 15.29
N PHE B 65 14.98 22.43 14.34
CA PHE B 65 14.26 23.65 13.98
C PHE B 65 12.85 23.50 14.52
N PHE B 66 12.48 24.33 15.49
CA PHE B 66 11.23 24.10 16.20
C PHE B 66 10.24 25.25 16.05
N GLU B 67 10.40 26.07 15.01
CA GLU B 67 9.63 27.31 14.92
C GLU B 67 8.47 27.23 13.93
N VAL B 68 8.08 26.02 13.49
CA VAL B 68 6.90 25.90 12.64
C VAL B 68 5.66 26.11 13.49
N GLU B 69 4.77 27.01 13.10
CA GLU B 69 3.52 26.91 13.82
C GLU B 69 2.34 26.35 13.07
N ALA B 70 1.16 26.70 13.58
CA ALA B 70 -0.06 25.95 13.28
C ALA B 70 -0.29 25.85 11.79
N ASP B 71 0.18 26.84 11.03
CA ASP B 71 0.19 26.79 9.59
C ASP B 71 1.62 26.95 9.09
N PRO B 72 2.02 26.17 8.10
CA PRO B 72 3.30 26.45 7.43
C PRO B 72 3.21 27.82 6.77
N THR B 73 4.10 28.72 7.18
CA THR B 73 4.19 30.04 6.57
C THR B 73 5.46 30.14 5.75
N LEU B 74 5.42 31.01 4.73
CA LEU B 74 6.54 31.12 3.81
C LEU B 74 7.78 31.64 4.51
N SER B 75 7.62 32.60 5.41
CA SER B 75 8.76 33.12 6.16
C SER B 75 9.39 32.03 7.03
N ILE B 76 8.59 31.21 7.69
CA ILE B 76 9.16 30.15 8.55
C ILE B 76 9.83 29.09 7.69
N VAL B 77 9.22 28.72 6.56
CA VAL B 77 9.82 27.74 5.67
C VAL B 77 11.17 28.25 5.15
N ARG B 78 11.23 29.54 4.76
CA ARG B 78 12.50 30.09 4.28
C ARG B 78 13.56 30.06 5.38
N LYS B 79 13.16 30.34 6.62
CA LYS B 79 14.11 30.29 7.73
C LYS B 79 14.61 28.85 7.95
N GLY B 80 13.72 27.87 7.87
CA GLY B 80 14.16 26.49 8.01
C GLY B 80 15.03 26.03 6.86
N ALA B 81 14.74 26.49 5.64
CA ALA B 81 15.58 26.14 4.49
C ALA B 81 16.95 26.78 4.61
N GLU B 82 17.02 28.01 5.14
CA GLU B 82 18.31 28.63 5.36
C GLU B 82 19.11 27.88 6.40
N LEU B 83 18.45 27.39 7.45
CA LEU B 83 19.14 26.57 8.44
C LEU B 83 19.70 25.29 7.82
N ALA B 84 18.91 24.62 6.97
CA ALA B 84 19.42 23.46 6.25
C ALA B 84 20.62 23.80 5.38
N ASN B 85 20.57 24.94 4.66
CA ASN B 85 21.69 25.32 3.81
C ASN B 85 23.00 25.45 4.60
N SER B 86 22.93 25.95 5.83
CA SER B 86 24.13 26.07 6.66
CA SER B 86 24.13 26.07 6.65
C SER B 86 24.48 24.76 7.35
N PHE B 87 23.49 24.08 7.93
CA PHE B 87 23.80 22.85 8.65
C PHE B 87 24.13 21.69 7.70
N LYS B 88 23.55 21.68 6.49
CA LYS B 88 23.76 20.66 5.45
C LYS B 88 23.37 19.26 5.93
N PRO B 89 22.09 19.01 6.24
CA PRO B 89 21.69 17.65 6.62
C PRO B 89 21.74 16.69 5.45
N ASP B 90 21.93 15.42 5.76
CA ASP B 90 21.70 14.39 4.76
C ASP B 90 20.43 13.61 5.03
N VAL B 91 19.71 13.94 6.10
CA VAL B 91 18.34 13.46 6.30
C VAL B 91 17.57 14.54 7.06
N ILE B 92 16.35 14.79 6.61
CA ILE B 92 15.43 15.68 7.28
C ILE B 92 14.35 14.83 7.92
N ILE B 93 14.06 15.08 9.20
CA ILE B 93 13.10 14.29 9.96
C ILE B 93 12.01 15.24 10.43
N ALA B 94 10.86 15.18 9.78
CA ALA B 94 9.69 15.98 10.18
C ALA B 94 9.04 15.31 11.37
N LEU B 95 8.73 16.08 12.40
CA LEU B 95 8.14 15.56 13.62
C LEU B 95 6.93 16.41 13.97
N GLY B 96 5.74 15.82 13.94
CA GLY B 96 4.57 16.52 14.40
C GLY B 96 3.33 16.08 13.66
N GLY B 97 2.33 16.96 13.70
CA GLY B 97 1.12 16.80 12.93
C GLY B 97 1.35 17.32 11.53
N GLY B 98 0.26 17.74 10.90
CA GLY B 98 0.35 18.11 9.50
C GLY B 98 1.22 19.33 9.24
N SER B 99 1.27 20.27 10.19
CA SER B 99 1.99 21.52 9.92
CA SER B 99 1.98 21.52 9.91
C SER B 99 3.48 21.31 9.80
N PRO B 100 4.18 20.66 10.75
CA PRO B 100 5.62 20.45 10.57
C PRO B 100 5.95 19.55 9.38
N MET B 101 5.14 18.54 9.13
CA MET B 101 5.43 17.63 8.02
C MET B 101 5.28 18.36 6.69
N ASP B 102 4.26 19.21 6.57
CA ASP B 102 4.07 19.98 5.35
C ASP B 102 5.19 21.02 5.18
N ALA B 103 5.53 21.72 6.25
CA ALA B 103 6.62 22.69 6.22
C ALA B 103 7.93 22.02 5.82
N ALA B 104 8.24 20.87 6.43
CA ALA B 104 9.49 20.17 6.13
C ALA B 104 9.61 19.81 4.64
N LYS B 105 8.50 19.38 4.03
CA LYS B 105 8.52 19.07 2.59
C LYS B 105 8.99 20.25 1.76
N ILE B 106 8.52 21.46 2.07
CA ILE B 106 8.89 22.62 1.27
C ILE B 106 10.31 23.08 1.60
N MET B 107 10.70 23.00 2.88
CA MET B 107 12.09 23.27 3.22
C MET B 107 13.02 22.35 2.45
N TRP B 108 12.62 21.09 2.30
CA TRP B 108 13.40 20.10 1.58
C TRP B 108 13.65 20.53 0.13
N VAL B 109 12.58 20.94 -0.57
CA VAL B 109 12.72 21.43 -1.95
C VAL B 109 13.69 22.61 -2.01
N MET B 110 13.48 23.60 -1.15
CA MET B 110 14.33 24.80 -1.20
C MET B 110 15.78 24.47 -0.89
N TYR B 111 16.02 23.50 0.00
CA TYR B 111 17.39 23.07 0.30
C TYR B 111 18.00 22.33 -0.88
N GLU B 112 17.24 21.41 -1.49
CA GLU B 112 17.75 20.66 -2.64
C GLU B 112 17.97 21.57 -3.84
N HIS B 113 17.19 22.63 -3.95
CA HIS B 113 17.21 23.51 -5.13
C HIS B 113 17.15 24.96 -4.66
N PRO B 114 18.24 25.48 -4.10
CA PRO B 114 18.25 26.89 -3.70
C PRO B 114 18.07 27.83 -4.88
N GLU B 115 18.38 27.38 -6.10
CA GLU B 115 18.22 28.23 -7.28
C GLU B 115 16.75 28.49 -7.59
N THR B 116 15.86 27.59 -7.22
CA THR B 116 14.44 27.73 -7.54
C THR B 116 13.74 28.74 -6.63
N HIS B 117 12.92 29.61 -7.23
CA HIS B 117 12.05 30.52 -6.49
C HIS B 117 10.75 29.81 -6.13
N PHE B 118 10.30 29.98 -4.88
CA PHE B 118 9.08 29.30 -4.44
C PHE B 118 7.89 29.52 -5.37
N GLU B 119 7.62 30.77 -5.75
CA GLU B 119 6.37 31.01 -6.47
C GLU B 119 6.45 30.46 -7.90
N GLU B 120 7.67 30.23 -8.41
CA GLU B 120 7.88 29.35 -9.55
C GLU B 120 7.22 28.01 -9.26
N LEU B 121 7.76 27.28 -8.29
CA LEU B 121 7.23 25.99 -7.89
C LEU B 121 5.73 26.06 -7.64
N ALA B 122 5.30 27.08 -6.88
CA ALA B 122 3.89 27.24 -6.55
C ALA B 122 3.04 27.26 -7.80
N LEU B 123 3.56 27.86 -8.87
CA LEU B 123 2.79 27.98 -10.09
C LEU B 123 2.67 26.64 -10.81
N ARG B 124 3.79 25.98 -11.06
CA ARG B 124 3.79 24.78 -11.90
C ARG B 124 3.29 23.54 -11.19
N PHE B 125 3.54 23.39 -9.89
CA PHE B 125 3.23 22.11 -9.24
C PHE B 125 2.10 22.25 -8.23
N MET B 126 1.03 22.88 -8.70
CA MET B 126 -0.16 23.13 -7.91
C MET B 126 -0.94 21.85 -7.62
N ASP B 127 -0.92 20.88 -8.53
CA ASP B 127 -1.65 19.64 -8.34
C ASP B 127 -1.00 18.54 -9.17
N ILE B 128 -1.44 17.31 -8.95
CA ILE B 128 -0.90 16.16 -9.66
C ILE B 128 -1.52 16.08 -11.06
N ARG B 129 -0.67 16.12 -12.08
CA ARG B 129 -1.05 15.99 -13.47
C ARG B 129 0.22 15.60 -14.23
N LYS B 130 0.08 15.26 -15.50
CA LYS B 130 1.26 15.00 -16.30
C LYS B 130 1.67 16.26 -17.08
N ARG B 131 2.98 16.46 -17.19
CA ARG B 131 3.53 17.72 -17.69
C ARG B 131 4.65 17.47 -18.71
N LYS B 134 8.69 18.66 -15.30
CA LYS B 134 9.01 17.65 -14.29
C LYS B 134 9.43 18.31 -12.97
N PHE B 135 9.11 17.69 -11.85
CA PHE B 135 9.54 18.24 -10.57
C PHE B 135 11.06 18.16 -10.46
N PRO B 136 11.71 19.18 -9.91
CA PRO B 136 13.16 19.12 -9.73
C PRO B 136 13.55 17.86 -8.95
N LYS B 137 14.75 17.35 -9.23
CA LYS B 137 15.19 16.09 -8.64
C LYS B 137 15.34 16.22 -7.12
N MET B 138 14.72 15.31 -6.38
CA MET B 138 14.76 15.35 -4.93
C MET B 138 15.58 14.19 -4.37
N GLY B 139 16.00 14.34 -3.13
CA GLY B 139 16.71 13.26 -2.48
C GLY B 139 18.16 13.13 -2.86
N VAL B 140 18.75 14.19 -3.40
CA VAL B 140 20.18 14.18 -3.69
C VAL B 140 20.98 14.64 -2.48
N LYS B 141 20.57 15.77 -1.89
CA LYS B 141 21.21 16.26 -0.68
C LYS B 141 20.74 15.52 0.57
N ALA B 142 19.47 15.10 0.61
CA ALA B 142 18.92 14.56 1.85
C ALA B 142 17.72 13.68 1.55
N LYS B 143 17.54 12.65 2.38
CA LYS B 143 16.29 11.89 2.40
C LYS B 143 15.33 12.52 3.43
N MET B 144 14.04 12.24 3.27
CA MET B 144 12.99 12.80 4.13
C MET B 144 12.32 11.69 4.93
N ILE B 145 12.28 11.86 6.24
CA ILE B 145 11.55 10.97 7.14
C ILE B 145 10.46 11.77 7.84
N ALA B 146 9.27 11.19 7.94
CA ALA B 146 8.15 11.87 8.59
C ALA B 146 7.72 11.05 9.81
N VAL B 147 7.69 11.69 10.97
CA VAL B 147 7.30 11.05 12.23
C VAL B 147 6.03 11.72 12.73
N THR B 148 4.90 11.00 12.67
CA THR B 148 3.62 11.63 12.97
C THR B 148 3.30 11.52 14.45
N THR B 149 2.79 12.62 15.02
CA THR B 149 2.43 12.67 16.44
C THR B 149 0.95 12.93 16.67
N THR B 150 0.10 12.80 15.64
CA THR B 150 -1.35 12.83 15.86
C THR B 150 -1.95 11.71 15.04
N SER B 151 -3.26 11.45 15.21
CA SER B 151 -3.91 10.28 14.58
C SER B 151 -5.25 10.68 13.95
N GLY B 152 -5.19 11.53 12.90
CA GLY B 152 -3.94 12.03 12.35
C GLY B 152 -4.17 12.56 10.94
N THR B 153 -3.20 13.30 10.39
CA THR B 153 -3.37 13.90 9.06
C THR B 153 -3.01 12.96 7.91
N GLY B 154 -2.23 11.92 8.16
CA GLY B 154 -1.69 11.08 7.10
C GLY B 154 -0.62 11.73 6.24
N SER B 155 -0.22 12.95 6.55
CA SER B 155 0.74 13.67 5.71
C SER B 155 2.08 12.94 5.60
N GLU B 156 2.37 12.04 6.53
CA GLU B 156 3.60 11.26 6.46
C GLU B 156 3.67 10.34 5.22
N VAL B 157 2.56 10.11 4.50
CA VAL B 157 2.65 9.27 3.30
C VAL B 157 2.17 10.00 2.05
N THR B 158 1.92 11.32 2.11
CA THR B 158 1.30 12.00 0.97
C THR B 158 2.27 12.87 0.18
N PRO B 159 1.90 13.23 -1.07
CA PRO B 159 2.70 14.17 -1.86
C PRO B 159 2.32 15.63 -1.67
N PHE B 160 1.57 15.97 -0.63
CA PHE B 160 0.96 17.29 -0.52
C PHE B 160 1.63 18.16 0.54
N ALA B 161 1.62 19.47 0.29
CA ALA B 161 2.06 20.44 1.27
C ALA B 161 1.39 21.77 0.93
N VAL B 162 1.03 22.53 1.96
CA VAL B 162 0.47 23.87 1.77
C VAL B 162 1.25 24.83 2.64
N VAL B 163 1.51 26.02 2.11
CA VAL B 163 2.21 27.05 2.86
C VAL B 163 1.53 28.37 2.56
N THR B 164 1.37 29.20 3.59
CA THR B 164 0.73 30.50 3.45
C THR B 164 1.80 31.57 3.28
N ASP B 165 1.59 32.45 2.31
CA ASP B 165 2.42 33.64 2.12
C ASP B 165 2.02 34.63 3.21
N ASP B 166 2.94 34.89 4.15
CA ASP B 166 2.66 35.83 5.24
C ASP B 166 2.18 37.16 4.70
N ALA B 167 2.89 37.71 3.71
CA ALA B 167 2.66 39.07 3.27
C ALA B 167 1.26 39.28 2.71
N THR B 168 0.68 38.25 2.11
CA THR B 168 -0.62 38.37 1.47
C THR B 168 -1.71 37.51 2.10
N GLY B 169 -1.37 36.54 2.95
CA GLY B 169 -2.35 35.60 3.45
C GLY B 169 -2.76 34.54 2.46
N GLN B 170 -2.18 34.54 1.27
CA GLN B 170 -2.53 33.59 0.22
C GLN B 170 -1.90 32.22 0.48
N LYS B 171 -2.70 31.17 0.36
CA LYS B 171 -2.22 29.81 0.55
C LYS B 171 -1.81 29.20 -0.78
N TYR B 172 -0.71 28.44 -0.75
CA TYR B 172 -0.14 27.83 -1.95
C TYR B 172 -0.03 26.34 -1.77
N PRO B 173 -0.95 25.56 -2.32
CA PRO B 173 -0.82 24.11 -2.26
C PRO B 173 0.21 23.63 -3.26
N LEU B 174 1.01 22.65 -2.84
CA LEU B 174 2.01 22.01 -3.69
C LEU B 174 1.74 20.52 -3.65
N ALA B 175 1.94 19.85 -4.78
CA ALA B 175 1.62 18.43 -4.86
C ALA B 175 2.54 17.81 -5.89
N ASP B 176 3.36 16.86 -5.47
CA ASP B 176 4.17 16.08 -6.38
C ASP B 176 4.70 14.87 -5.62
N TYR B 177 4.73 13.72 -6.27
CA TYR B 177 5.18 12.55 -5.53
C TYR B 177 6.68 12.61 -5.20
N ALA B 178 7.42 13.58 -5.75
CA ALA B 178 8.77 13.80 -5.24
C ALA B 178 8.78 14.35 -3.82
N LEU B 179 7.65 14.84 -3.32
CA LEU B 179 7.55 15.33 -1.95
C LEU B 179 7.10 14.27 -0.96
N THR B 180 6.66 13.11 -1.43
CA THR B 180 6.30 12.01 -0.52
C THR B 180 7.54 11.65 0.29
N PRO B 181 7.43 11.51 1.62
CA PRO B 181 8.62 11.14 2.40
C PRO B 181 9.20 9.81 1.93
N ASP B 182 10.51 9.66 2.17
CA ASP B 182 11.17 8.39 1.87
C ASP B 182 10.80 7.32 2.91
N MET B 183 10.49 7.74 4.13
CA MET B 183 10.15 6.80 5.19
C MET B 183 9.11 7.46 6.08
N ALA B 184 8.09 6.70 6.49
CA ALA B 184 7.12 7.17 7.48
C ALA B 184 7.27 6.34 8.74
N ILE B 185 7.26 7.01 9.89
CA ILE B 185 7.35 6.35 11.19
C ILE B 185 6.08 6.66 11.96
N VAL B 186 5.39 5.60 12.38
CA VAL B 186 4.06 5.70 12.99
C VAL B 186 4.16 5.00 14.35
N ASP B 187 4.55 5.72 15.38
CA ASP B 187 4.87 5.13 16.68
C ASP B 187 3.91 5.70 17.72
N ALA B 188 2.96 4.87 18.16
CA ALA B 188 1.90 5.34 19.04
C ALA B 188 2.38 5.68 20.44
N ASN B 189 3.63 5.33 20.80
CA ASN B 189 4.18 5.87 22.05
C ASN B 189 4.21 7.40 22.03
N LEU B 190 4.11 8.01 20.85
CA LEU B 190 4.12 9.47 20.74
C LEU B 190 2.72 10.10 20.81
N VAL B 191 1.65 9.31 20.95
CA VAL B 191 0.30 9.88 20.97
C VAL B 191 -0.47 9.51 22.24
N MET B 192 0.18 8.91 23.23
CA MET B 192 -0.58 8.51 24.42
C MET B 192 -1.04 9.70 25.26
N ASP B 193 -0.43 10.86 25.10
CA ASP B 193 -0.77 12.06 25.86
C ASP B 193 -1.73 12.99 25.11
N MET B 194 -2.17 12.62 23.91
CA MET B 194 -3.07 13.50 23.16
C MET B 194 -4.31 13.80 24.00
N PRO B 195 -4.67 15.07 24.18
CA PRO B 195 -5.95 15.39 24.83
C PRO B 195 -7.13 14.87 24.01
N LYS B 196 -8.28 14.82 24.69
CA LYS B 196 -9.50 14.30 24.05
C LYS B 196 -9.84 15.05 22.77
N SER B 197 -9.77 16.38 22.78
CA SER B 197 -10.20 17.13 21.58
C SER B 197 -9.29 16.83 20.39
N LEU B 198 -7.97 16.75 20.62
CA LEU B 198 -7.06 16.42 19.53
C LEU B 198 -7.27 14.99 19.05
N CYS B 199 -7.57 14.08 19.98
CA CYS B 199 -7.92 12.72 19.60
C CYS B 199 -9.15 12.71 18.71
N ALA B 200 -10.19 13.46 19.09
CA ALA B 200 -11.42 13.52 18.31
C ALA B 200 -11.19 14.17 16.94
N PHE B 201 -10.53 15.33 16.92
CA PHE B 201 -10.35 16.06 15.66
C PHE B 201 -9.46 15.29 14.69
N GLY B 202 -8.33 14.74 15.16
CA GLY B 202 -7.49 13.95 14.28
C GLY B 202 -8.21 12.72 13.76
N GLY B 203 -8.97 12.05 14.64
CA GLY B 203 -9.65 10.84 14.24
C GLY B 203 -10.75 11.10 13.21
N LEU B 204 -11.49 12.18 13.37
CA LEU B 204 -12.51 12.48 12.37
C LEU B 204 -11.93 13.04 11.07
N ASP B 205 -10.81 13.76 11.17
CA ASP B 205 -10.01 14.06 9.97
C ASP B 205 -9.68 12.80 9.19
N ALA B 206 -9.19 11.79 9.89
CA ALA B 206 -8.88 10.51 9.26
C ALA B 206 -10.13 9.85 8.68
N VAL B 207 -11.25 9.86 9.42
CA VAL B 207 -12.50 9.33 8.86
C VAL B 207 -12.84 10.04 7.55
N THR B 208 -12.70 11.36 7.54
CA THR B 208 -13.04 12.15 6.37
C THR B 208 -12.13 11.82 5.19
N HIS B 209 -10.82 11.67 5.45
CA HIS B 209 -9.88 11.28 4.40
C HIS B 209 -10.32 10.00 3.73
N ALA B 210 -10.65 8.98 4.53
CA ALA B 210 -10.99 7.68 3.96
C ALA B 210 -12.34 7.74 3.25
N MET B 211 -13.31 8.46 3.82
CA MET B 211 -14.61 8.64 3.19
C MET B 211 -14.50 9.36 1.85
N GLU B 212 -13.71 10.43 1.79
CA GLU B 212 -13.59 11.16 0.53
C GLU B 212 -12.77 10.38 -0.49
N ALA B 213 -11.72 9.68 -0.04
CA ALA B 213 -10.92 8.86 -0.97
C ALA B 213 -11.74 7.74 -1.58
N TYR B 214 -12.69 7.18 -0.82
CA TYR B 214 -13.45 6.04 -1.33
C TYR B 214 -14.40 6.46 -2.45
N VAL B 215 -14.98 7.65 -2.36
CA VAL B 215 -15.98 8.09 -3.34
C VAL B 215 -15.39 9.07 -4.36
N SER B 216 -14.11 9.39 -4.25
CA SER B 216 -13.43 10.25 -5.21
C SER B 216 -13.48 9.64 -6.62
N VAL B 217 -13.48 10.52 -7.63
CA VAL B 217 -13.44 10.03 -9.00
C VAL B 217 -12.12 9.31 -9.29
N LEU B 218 -11.10 9.50 -8.47
CA LEU B 218 -9.84 8.79 -8.66
C LEU B 218 -9.70 7.55 -7.78
N ALA B 219 -10.78 7.13 -7.12
CA ALA B 219 -10.70 5.89 -6.35
C ALA B 219 -10.34 4.73 -7.27
N SER B 220 -9.56 3.79 -6.74
CA SER B 220 -9.10 2.65 -7.52
C SER B 220 -9.13 1.41 -6.65
N GLU B 221 -8.97 0.25 -7.30
CA GLU B 221 -8.89 -1.00 -6.57
C GLU B 221 -7.67 -1.07 -5.65
N PHE B 222 -6.66 -0.22 -5.84
CA PHE B 222 -5.49 -0.22 -4.96
C PHE B 222 -5.69 0.66 -3.74
N SER B 223 -6.54 1.68 -3.84
CA SER B 223 -6.87 2.57 -2.72
C SER B 223 -8.09 2.13 -1.90
N ASP B 224 -9.11 1.52 -2.55
CA ASP B 224 -10.40 1.24 -1.91
C ASP B 224 -10.26 0.41 -0.63
N GLY B 225 -9.48 -0.67 -0.69
CA GLY B 225 -9.32 -1.53 0.48
C GLY B 225 -8.66 -0.86 1.67
N GLN B 226 -7.74 0.08 1.41
CA GLN B 226 -7.15 0.80 2.52
C GLN B 226 -8.14 1.82 3.08
N ALA B 227 -8.92 2.46 2.20
CA ALA B 227 -9.91 3.41 2.70
C ALA B 227 -10.91 2.71 3.61
N LEU B 228 -11.40 1.53 3.19
CA LEU B 228 -12.37 0.80 3.99
C LEU B 228 -11.77 0.26 5.29
N GLN B 229 -10.53 -0.18 5.22
CA GLN B 229 -9.85 -0.65 6.44
C GLN B 229 -9.64 0.48 7.45
N ALA B 230 -9.25 1.65 6.97
CA ALA B 230 -9.13 2.80 7.86
C ALA B 230 -10.46 3.09 8.55
N LEU B 231 -11.56 3.13 7.79
CA LEU B 231 -12.87 3.40 8.38
C LEU B 231 -13.25 2.33 9.40
N LYS B 232 -12.99 1.06 9.08
CA LYS B 232 -13.36 -0.01 10.02
C LYS B 232 -12.57 0.12 11.33
N LEU B 233 -11.27 0.37 11.23
CA LEU B 233 -10.45 0.56 12.43
C LEU B 233 -10.94 1.75 13.25
N LEU B 234 -11.24 2.86 12.59
CA LEU B 234 -11.71 4.05 13.30
C LEU B 234 -13.08 3.80 13.93
N LYS B 235 -14.01 3.19 13.20
CA LYS B 235 -15.28 2.80 13.83
C LYS B 235 -15.03 1.96 15.08
N GLU B 236 -14.11 1.01 15.00
CA GLU B 236 -13.98 0.04 16.08
C GLU B 236 -13.09 0.51 17.22
N TYR B 237 -12.19 1.46 17.00
CA TYR B 237 -11.24 1.85 18.04
C TYR B 237 -11.26 3.33 18.41
N LEU B 238 -11.77 4.20 17.56
CA LEU B 238 -11.74 5.63 17.89
C LEU B 238 -12.53 5.95 19.15
N PRO B 239 -13.75 5.43 19.37
CA PRO B 239 -14.43 5.76 20.64
C PRO B 239 -13.63 5.35 21.86
N ALA B 240 -13.06 4.15 21.88
CA ALA B 240 -12.29 3.73 23.04
C ALA B 240 -11.02 4.57 23.20
N SER B 241 -10.34 4.88 22.09
CA SER B 241 -9.18 5.77 22.14
C SER B 241 -9.52 7.12 22.76
N TYR B 242 -10.66 7.69 22.35
CA TYR B 242 -11.10 8.98 22.90
C TYR B 242 -11.45 8.87 24.38
N HIS B 243 -12.28 7.88 24.76
CA HIS B 243 -12.76 7.79 26.14
C HIS B 243 -11.66 7.33 27.11
N GLU B 244 -10.85 6.35 26.70
CA GLU B 244 -9.94 5.68 27.61
C GLU B 244 -8.52 6.19 27.54
N GLY B 245 -8.11 6.78 26.41
CA GLY B 245 -6.79 7.36 26.30
C GLY B 245 -5.67 6.37 26.53
N SER B 246 -4.66 6.78 27.32
CA SER B 246 -3.50 5.93 27.61
C SER B 246 -3.85 4.64 28.34
N LYS B 247 -5.02 4.55 28.99
CA LYS B 247 -5.37 3.29 29.65
C LYS B 247 -5.67 2.18 28.66
N ASN B 248 -5.83 2.51 27.37
CA ASN B 248 -6.08 1.52 26.31
C ASN B 248 -5.09 1.79 25.17
N PRO B 249 -3.82 1.43 25.36
CA PRO B 249 -2.81 1.70 24.32
C PRO B 249 -3.09 0.98 23.01
N VAL B 250 -3.74 -0.19 23.05
CA VAL B 250 -4.07 -0.86 21.79
C VAL B 250 -5.03 0.01 20.96
N ALA B 251 -6.04 0.60 21.59
CA ALA B 251 -6.95 1.46 20.85
C ALA B 251 -6.21 2.68 20.29
N ARG B 252 -5.35 3.31 21.10
CA ARG B 252 -4.53 4.41 20.60
C ARG B 252 -3.65 3.96 19.43
N GLU B 253 -3.11 2.74 19.50
CA GLU B 253 -2.21 2.28 18.44
C GLU B 253 -2.99 1.98 17.15
N ARG B 254 -4.17 1.35 17.27
CA ARG B 254 -5.00 1.05 16.10
C ARG B 254 -5.42 2.32 15.37
N VAL B 255 -5.77 3.38 16.11
CA VAL B 255 -6.17 4.62 15.45
C VAL B 255 -4.97 5.31 14.79
N HIS B 256 -3.80 5.24 15.44
CA HIS B 256 -2.58 5.80 14.86
C HIS B 256 -2.29 5.14 13.52
N SER B 257 -2.40 3.81 13.44
CA SER B 257 -2.21 3.17 12.13
C SER B 257 -3.32 3.55 11.16
N ALA B 258 -4.56 3.67 11.65
CA ALA B 258 -5.68 3.93 10.77
C ALA B 258 -5.53 5.28 10.07
N ALA B 259 -5.01 6.28 10.78
CA ALA B 259 -4.85 7.59 10.17
C ALA B 259 -3.82 7.54 9.06
N THR B 260 -2.77 6.75 9.25
CA THR B 260 -1.80 6.54 8.17
C THR B 260 -2.39 5.74 7.01
N ILE B 261 -3.22 4.73 7.30
CA ILE B 261 -3.85 3.96 6.23
C ILE B 261 -4.83 4.83 5.43
N ALA B 262 -5.55 5.72 6.11
CA ALA B 262 -6.34 6.70 5.38
C ALA B 262 -5.46 7.58 4.50
N GLY B 263 -4.27 7.94 5.00
CA GLY B 263 -3.32 8.68 4.17
C GLY B 263 -2.92 7.93 2.92
N ILE B 264 -2.65 6.63 3.06
CA ILE B 264 -2.30 5.81 1.90
C ILE B 264 -3.38 5.92 0.84
N ALA B 265 -4.66 5.82 1.25
CA ALA B 265 -5.77 5.93 0.31
C ALA B 265 -5.80 7.31 -0.36
N PHE B 266 -5.84 8.39 0.44
CA PHE B 266 -6.06 9.69 -0.16
C PHE B 266 -4.79 10.27 -0.81
N ALA B 267 -3.60 9.79 -0.43
CA ALA B 267 -2.37 10.15 -1.16
C ALA B 267 -2.49 9.81 -2.63
N ASN B 268 -3.30 8.81 -2.97
CA ASN B 268 -3.44 8.33 -4.33
C ASN B 268 -4.81 8.62 -4.95
N ALA B 269 -5.87 8.67 -4.15
CA ALA B 269 -7.21 8.91 -4.67
C ALA B 269 -7.70 10.34 -4.41
N PHE B 270 -6.99 11.10 -3.56
CA PHE B 270 -7.27 12.50 -3.23
C PHE B 270 -8.58 12.57 -2.45
N LEU B 271 -9.23 13.75 -2.44
CA LEU B 271 -10.33 13.95 -1.49
C LEU B 271 -11.61 14.46 -2.16
N GLY B 272 -12.22 15.49 -1.60
CA GLY B 272 -13.43 16.02 -2.18
C GLY B 272 -13.81 17.34 -1.55
N VAL B 273 -15.07 17.72 -1.74
CA VAL B 273 -15.50 19.06 -1.32
C VAL B 273 -15.63 19.18 0.19
N CYS B 274 -15.58 18.09 0.94
CA CYS B 274 -15.62 18.29 2.39
C CYS B 274 -14.34 18.97 2.84
N HIS B 275 -13.20 18.53 2.29
CA HIS B 275 -11.93 19.19 2.59
C HIS B 275 -11.85 20.58 1.97
N SER B 276 -12.34 20.75 0.73
CA SER B 276 -12.40 22.08 0.13
C SER B 276 -13.07 23.09 1.06
N MET B 277 -14.26 22.74 1.60
CA MET B 277 -14.96 23.66 2.48
C MET B 277 -14.34 23.71 3.87
N ALA B 278 -13.78 22.59 4.34
CA ALA B 278 -13.16 22.57 5.66
C ALA B 278 -11.95 23.49 5.70
N HIS B 279 -11.15 23.49 4.63
CA HIS B 279 -10.01 24.41 4.52
C HIS B 279 -10.44 25.86 4.72
N LYS B 280 -11.54 26.25 4.09
CA LYS B 280 -11.95 27.65 4.14
C LYS B 280 -12.57 28.00 5.49
N LEU B 281 -13.38 27.11 6.06
CA LEU B 281 -13.89 27.32 7.41
C LEU B 281 -12.76 27.48 8.41
N GLY B 282 -11.81 26.56 8.36
CA GLY B 282 -10.71 26.59 9.33
C GLY B 282 -9.88 27.84 9.24
N SER B 283 -9.55 28.27 8.03
CA SER B 283 -8.66 29.41 7.91
C SER B 283 -9.39 30.72 8.21
N GLN B 284 -10.67 30.81 7.86
CA GLN B 284 -11.41 32.05 8.08
C GLN B 284 -11.76 32.21 9.56
N PHE B 285 -12.21 31.14 10.22
CA PHE B 285 -12.69 31.21 11.58
C PHE B 285 -11.76 30.54 12.58
N HIS B 286 -10.60 30.06 12.13
CA HIS B 286 -9.59 29.45 13.00
C HIS B 286 -10.14 28.22 13.72
N ILE B 287 -10.95 27.45 13.02
CA ILE B 287 -11.46 26.16 13.50
C ILE B 287 -10.41 25.10 13.17
N PRO B 288 -10.06 24.21 14.11
CA PRO B 288 -9.14 23.13 13.79
C PRO B 288 -9.60 22.33 12.57
N HIS B 289 -8.62 21.88 11.79
CA HIS B 289 -8.91 21.24 10.51
C HIS B 289 -9.84 20.05 10.68
N GLY B 290 -9.57 19.21 11.68
CA GLY B 290 -10.38 18.04 11.93
C GLY B 290 -11.78 18.37 12.40
N LEU B 291 -11.93 19.45 13.16
CA LEU B 291 -13.26 19.88 13.60
C LEU B 291 -14.08 20.40 12.43
N ALA B 292 -13.45 21.15 11.52
CA ALA B 292 -14.16 21.64 10.35
C ALA B 292 -14.71 20.49 9.51
N ASN B 293 -13.88 19.46 9.26
CA ASN B 293 -14.35 18.28 8.54
C ASN B 293 -15.49 17.58 9.27
N ALA B 294 -15.36 17.43 10.59
CA ALA B 294 -16.40 16.77 11.37
C ALA B 294 -17.73 17.47 11.23
N LEU B 295 -17.70 18.82 11.16
CA LEU B 295 -18.92 19.60 11.07
C LEU B 295 -19.57 19.46 9.69
N LEU B 296 -18.77 19.22 8.64
CA LEU B 296 -19.26 19.23 7.26
C LEU B 296 -19.54 17.86 6.66
N ILE B 297 -18.91 16.79 7.17
CA ILE B 297 -18.84 15.54 6.41
C ILE B 297 -20.23 14.96 6.16
N CYS B 298 -21.15 15.03 7.13
CA CYS B 298 -22.43 14.37 6.91
C CYS B 298 -23.27 15.10 5.86
N ASN B 299 -23.19 16.43 5.79
CA ASN B 299 -23.90 17.12 4.72
C ASN B 299 -23.23 16.91 3.35
N VAL B 300 -21.91 16.74 3.33
CA VAL B 300 -21.23 16.43 2.08
C VAL B 300 -21.63 15.04 1.58
N ILE B 301 -21.79 14.07 2.48
CA ILE B 301 -22.31 12.77 2.07
C ILE B 301 -23.71 12.92 1.50
N ARG B 302 -24.58 13.66 2.19
CA ARG B 302 -25.92 13.90 1.68
C ARG B 302 -25.88 14.55 0.30
N TYR B 303 -24.97 15.50 0.11
CA TYR B 303 -24.83 16.17 -1.18
C TYR B 303 -24.35 15.20 -2.26
N ASN B 304 -23.22 14.51 -2.01
CA ASN B 304 -22.67 13.59 -3.00
C ASN B 304 -23.56 12.38 -3.26
N ALA B 305 -24.42 12.01 -2.31
CA ALA B 305 -25.28 10.84 -2.50
C ALA B 305 -26.42 11.09 -3.49
N ASN B 306 -26.56 12.31 -3.99
CA ASN B 306 -27.51 12.56 -5.09
C ASN B 306 -26.78 12.65 -6.42
N GLN B 322 -20.75 5.96 -9.23
CA GLN B 322 -21.74 6.78 -8.54
C GLN B 322 -21.56 6.72 -7.02
N ALA B 323 -21.57 7.90 -6.40
CA ALA B 323 -21.17 7.99 -5.00
C ALA B 323 -22.17 7.29 -4.08
N ARG B 324 -23.48 7.39 -4.36
CA ARG B 324 -24.44 6.81 -3.42
C ARG B 324 -24.27 5.29 -3.30
N ARG B 325 -23.98 4.61 -4.41
CA ARG B 325 -23.65 3.19 -4.37
C ARG B 325 -22.41 2.95 -3.52
N ARG B 326 -21.40 3.81 -3.65
CA ARG B 326 -20.19 3.67 -2.86
C ARG B 326 -20.47 3.90 -1.38
N TYR B 327 -21.28 4.90 -1.04
CA TYR B 327 -21.60 5.09 0.38
C TYR B 327 -22.31 3.87 0.95
N ALA B 328 -23.21 3.27 0.18
CA ALA B 328 -23.88 2.07 0.66
C ALA B 328 -22.87 0.95 0.93
N GLU B 329 -21.84 0.81 0.08
CA GLU B 329 -20.79 -0.19 0.30
C GLU B 329 -20.04 0.06 1.60
N ILE B 330 -19.82 1.33 1.97
CA ILE B 330 -19.15 1.59 3.24
C ILE B 330 -20.02 1.12 4.40
N ALA B 331 -21.33 1.41 4.35
CA ALA B 331 -22.23 0.95 5.40
C ALA B 331 -22.18 -0.57 5.54
N ASP B 332 -22.24 -1.28 4.41
CA ASP B 332 -22.07 -2.73 4.42
C ASP B 332 -20.75 -3.13 5.08
N HIS B 333 -19.66 -2.47 4.69
CA HIS B 333 -18.35 -2.83 5.23
C HIS B 333 -18.28 -2.60 6.74
N LEU B 334 -18.94 -1.55 7.23
CA LEU B 334 -18.88 -1.22 8.65
C LEU B 334 -19.90 -1.99 9.49
N GLY B 335 -20.63 -2.92 8.87
CA GLY B 335 -21.61 -3.71 9.58
C GLY B 335 -22.83 -2.94 10.02
N LEU B 336 -23.12 -1.83 9.34
CA LEU B 336 -24.25 -0.98 9.71
C LEU B 336 -25.54 -1.34 8.98
N SER B 337 -25.45 -2.10 7.89
CA SER B 337 -26.64 -2.46 7.13
C SER B 337 -27.35 -3.65 7.75
N ALA B 338 -28.61 -3.81 7.38
CA ALA B 338 -29.41 -4.97 7.76
C ALA B 338 -29.81 -5.74 6.50
N PRO B 339 -30.17 -7.01 6.65
CA PRO B 339 -30.78 -7.75 5.53
C PRO B 339 -31.93 -6.98 4.91
N GLY B 340 -31.92 -6.90 3.58
CA GLY B 340 -33.00 -6.25 2.84
C GLY B 340 -33.03 -4.74 2.87
N ASP B 341 -32.00 -4.07 3.38
CA ASP B 341 -31.89 -2.64 3.18
C ASP B 341 -31.53 -2.37 1.72
N ARG B 342 -32.15 -1.37 1.11
CA ARG B 342 -31.61 -0.89 -0.15
C ARG B 342 -30.90 0.44 0.11
N THR B 343 -30.36 1.01 -0.97
CA THR B 343 -29.32 2.04 -0.86
C THR B 343 -29.68 3.17 0.11
N ALA B 344 -30.86 3.77 -0.06
CA ALA B 344 -31.22 4.92 0.78
C ALA B 344 -31.11 4.58 2.26
N ALA B 345 -31.65 3.43 2.67
CA ALA B 345 -31.62 3.06 4.08
C ALA B 345 -30.21 2.81 4.57
N LYS B 346 -29.34 2.24 3.71
CA LYS B 346 -27.96 2.01 4.12
C LYS B 346 -27.21 3.33 4.32
N ILE B 347 -27.42 4.30 3.44
CA ILE B 347 -26.79 5.61 3.60
C ILE B 347 -27.33 6.32 4.84
N GLU B 348 -28.63 6.19 5.10
CA GLU B 348 -29.17 6.74 6.33
C GLU B 348 -28.51 6.12 7.55
N LYS B 349 -28.21 4.83 7.50
CA LYS B 349 -27.53 4.18 8.62
C LYS B 349 -26.08 4.61 8.72
N LEU B 350 -25.43 4.88 7.58
CA LEU B 350 -24.07 5.40 7.63
C LEU B 350 -24.05 6.79 8.26
N LEU B 351 -24.99 7.65 7.88
CA LEU B 351 -25.07 8.98 8.49
C LEU B 351 -25.40 8.90 9.98
N ALA B 352 -26.31 7.99 10.36
CA ALA B 352 -26.66 7.87 11.78
C ALA B 352 -25.46 7.43 12.63
N TRP B 353 -24.63 6.54 12.09
CA TRP B 353 -23.43 6.14 12.80
C TRP B 353 -22.46 7.31 12.97
N LEU B 354 -22.28 8.12 11.91
CA LEU B 354 -21.39 9.29 11.99
C LEU B 354 -21.89 10.33 12.99
N GLU B 355 -23.20 10.61 12.99
CA GLU B 355 -23.74 11.58 13.94
C GLU B 355 -23.58 11.11 15.37
N THR B 356 -23.74 9.81 15.63
CA THR B 356 -23.53 9.27 16.97
C THR B 356 -22.06 9.32 17.36
N LEU B 357 -21.17 9.01 16.40
CA LEU B 357 -19.74 9.09 16.67
C LEU B 357 -19.33 10.53 16.99
N LYS B 358 -19.78 11.50 16.19
CA LYS B 358 -19.50 12.90 16.47
C LYS B 358 -19.98 13.27 17.88
N ALA B 359 -21.21 12.89 18.21
CA ALA B 359 -21.79 13.25 19.50
C ALA B 359 -20.92 12.74 20.66
N GLU B 360 -20.53 11.46 20.61
CA GLU B 360 -19.82 10.94 21.75
C GLU B 360 -18.37 11.41 21.79
N LEU B 361 -17.85 11.95 20.68
CA LEU B 361 -16.54 12.60 20.68
C LEU B 361 -16.62 14.08 21.03
N GLY B 362 -17.80 14.56 21.46
CA GLY B 362 -17.98 15.94 21.85
C GLY B 362 -18.01 16.96 20.73
N ILE B 363 -18.31 16.54 19.51
CA ILE B 363 -18.37 17.49 18.38
C ILE B 363 -19.71 18.23 18.44
N PRO B 364 -19.72 19.57 18.34
CA PRO B 364 -20.99 20.30 18.30
C PRO B 364 -21.79 19.97 17.05
N LYS B 365 -23.09 20.31 17.09
CA LYS B 365 -24.02 19.95 16.03
C LYS B 365 -24.10 20.98 14.91
N SER B 366 -23.37 22.09 15.03
CA SER B 366 -23.45 23.16 14.04
C SER B 366 -22.22 24.03 14.18
N ILE B 367 -21.89 24.76 13.10
CA ILE B 367 -20.81 25.73 13.17
C ILE B 367 -21.17 26.84 14.16
N ARG B 368 -22.46 27.17 14.28
CA ARG B 368 -22.90 28.12 15.29
C ARG B 368 -22.45 27.68 16.68
N GLU B 369 -22.71 26.41 17.01
CA GLU B 369 -22.30 25.87 18.30
C GLU B 369 -20.80 25.62 18.38
N ALA B 370 -20.07 25.78 17.28
CA ALA B 370 -18.61 25.79 17.34
C ALA B 370 -18.05 27.14 17.75
N GLY B 371 -18.90 28.16 17.87
CA GLY B 371 -18.49 29.48 18.33
C GLY B 371 -18.48 30.55 17.25
N VAL B 372 -18.91 30.24 16.03
CA VAL B 372 -18.98 31.21 14.95
C VAL B 372 -20.33 31.86 14.96
N GLN B 373 -20.34 33.15 14.81
CA GLN B 373 -21.43 33.91 15.33
C GLN B 373 -22.01 34.65 14.15
N GLU B 374 -23.32 34.87 14.18
CA GLU B 374 -24.07 34.81 12.93
C GLU B 374 -23.63 35.85 11.90
N ALA B 375 -23.54 37.12 12.31
CA ALA B 375 -23.19 38.18 11.37
C ALA B 375 -21.83 37.91 10.74
N ASP B 376 -20.89 37.38 11.52
CA ASP B 376 -19.58 37.02 11.01
C ASP B 376 -19.69 35.98 9.89
N PHE B 377 -20.53 34.97 10.06
CA PHE B 377 -20.63 33.90 9.07
C PHE B 377 -21.28 34.39 7.78
N LEU B 378 -22.38 35.12 7.88
CA LEU B 378 -23.07 35.61 6.68
C LEU B 378 -22.22 36.60 5.90
N ALA B 379 -21.32 37.31 6.58
CA ALA B 379 -20.46 38.27 5.90
C ALA B 379 -19.46 37.56 4.99
N ASN B 380 -19.11 36.33 5.31
CA ASN B 380 -18.06 35.61 4.59
C ASN B 380 -18.55 34.41 3.79
N VAL B 381 -19.83 34.03 3.91
CA VAL B 381 -20.28 32.77 3.35
C VAL B 381 -20.10 32.72 1.83
N ASP B 382 -20.26 33.85 1.14
CA ASP B 382 -20.10 33.84 -0.31
C ASP B 382 -18.64 33.66 -0.70
N LYS B 383 -17.72 34.37 -0.04
CA LYS B 383 -16.30 34.16 -0.29
C LYS B 383 -15.88 32.73 0.04
N LEU B 384 -16.39 32.18 1.14
CA LEU B 384 -16.08 30.79 1.49
C LEU B 384 -16.51 29.85 0.38
N SER B 385 -17.73 30.04 -0.15
CA SER B 385 -18.23 29.16 -1.20
CA SER B 385 -18.22 29.15 -1.21
C SER B 385 -17.36 29.26 -2.46
N GLU B 386 -17.08 30.49 -2.90
CA GLU B 386 -16.25 30.69 -4.09
C GLU B 386 -14.87 30.08 -3.91
N ASP B 387 -14.23 30.34 -2.76
CA ASP B 387 -12.89 29.80 -2.52
C ASP B 387 -12.92 28.27 -2.43
N ALA B 388 -13.94 27.70 -1.78
CA ALA B 388 -14.04 26.25 -1.71
C ALA B 388 -14.17 25.66 -3.11
N PHE B 389 -14.94 26.31 -3.97
CA PHE B 389 -15.06 25.87 -5.35
C PHE B 389 -13.70 25.80 -6.03
N ASP B 390 -12.86 26.81 -5.82
CA ASP B 390 -11.53 26.88 -6.42
C ASP B 390 -10.49 25.99 -5.73
N ASP B 391 -10.81 25.38 -4.59
CA ASP B 391 -9.82 24.59 -3.88
C ASP B 391 -9.42 23.37 -4.72
N GLN B 392 -8.15 22.99 -4.59
CA GLN B 392 -7.62 21.85 -5.35
C GLN B 392 -8.40 20.56 -5.11
N CYS B 393 -8.92 20.35 -3.88
CA CYS B 393 -9.65 19.11 -3.61
C CYS B 393 -11.00 19.00 -4.30
N THR B 394 -11.54 20.08 -4.86
CA THR B 394 -12.86 20.01 -5.47
C THR B 394 -12.87 19.13 -6.72
N GLY B 395 -11.78 19.10 -7.49
CA GLY B 395 -11.78 18.37 -8.75
C GLY B 395 -12.02 16.88 -8.61
N ALA B 396 -11.64 16.30 -7.47
CA ALA B 396 -11.80 14.87 -7.22
C ALA B 396 -13.18 14.48 -6.70
N ASN B 397 -13.99 15.46 -6.28
CA ASN B 397 -15.30 15.15 -5.72
C ASN B 397 -16.18 14.46 -6.77
N PRO B 398 -16.98 13.47 -6.38
CA PRO B 398 -17.81 12.74 -7.36
C PRO B 398 -18.89 13.58 -8.00
N ARG B 399 -19.32 14.65 -7.36
CA ARG B 399 -20.33 15.55 -7.89
C ARG B 399 -19.67 16.88 -8.20
N TYR B 400 -19.77 17.34 -9.44
CA TYR B 400 -19.21 18.65 -9.78
C TYR B 400 -20.09 19.74 -9.20
N PRO B 401 -19.57 20.59 -8.31
CA PRO B 401 -20.44 21.53 -7.59
C PRO B 401 -20.69 22.84 -8.33
N LEU B 402 -21.84 23.43 -8.00
CA LEU B 402 -22.11 24.85 -8.23
C LEU B 402 -21.72 25.62 -6.98
N ILE B 403 -21.28 26.87 -7.18
CA ILE B 403 -20.94 27.70 -6.02
C ILE B 403 -22.16 27.88 -5.13
N SER B 404 -23.31 28.17 -5.74
CA SER B 404 -24.62 28.18 -5.08
C SER B 404 -24.82 26.98 -4.17
N GLU B 405 -24.45 25.78 -4.62
CA GLU B 405 -24.70 24.59 -3.81
C GLU B 405 -23.76 24.51 -2.62
N LEU B 406 -22.48 24.86 -2.80
CA LEU B 406 -21.56 24.90 -1.67
C LEU B 406 -22.02 25.91 -0.63
N LYS B 407 -22.57 27.04 -1.08
CA LYS B 407 -23.13 28.02 -0.15
C LYS B 407 -24.29 27.42 0.64
N GLN B 408 -25.16 26.66 -0.04
CA GLN B 408 -26.27 26.03 0.67
C GLN B 408 -25.78 25.05 1.73
N ILE B 409 -24.76 24.24 1.38
CA ILE B 409 -24.20 23.31 2.37
C ILE B 409 -23.66 24.06 3.57
N LEU B 410 -22.92 25.15 3.33
CA LEU B 410 -22.28 25.89 4.42
C LEU B 410 -23.33 26.48 5.36
N LEU B 411 -24.37 27.10 4.79
CA LEU B 411 -25.44 27.66 5.59
C LEU B 411 -26.14 26.59 6.40
N ASP B 412 -26.51 25.48 5.76
CA ASP B 412 -27.14 24.37 6.47
C ASP B 412 -26.27 23.91 7.62
N THR B 413 -24.96 23.80 7.38
CA THR B 413 -24.06 23.37 8.45
C THR B 413 -23.93 24.43 9.52
N TYR B 414 -24.01 25.70 9.15
CA TYR B 414 -23.97 26.75 10.17
C TYR B 414 -25.14 26.63 11.13
N TYR B 415 -26.35 26.47 10.59
CA TYR B 415 -27.56 26.47 11.41
C TYR B 415 -27.94 25.08 11.89
N GLY B 416 -27.20 24.05 11.52
CA GLY B 416 -27.51 22.72 12.01
C GLY B 416 -28.63 21.99 11.30
N ARG B 417 -28.93 22.35 10.06
CA ARG B 417 -29.90 21.63 9.26
C ARG B 417 -29.22 20.55 8.41
N ASP B 418 -29.96 19.47 8.15
CA ASP B 418 -29.52 18.49 7.17
C ASP B 418 -29.70 19.04 5.76
N TYR B 419 -28.66 18.91 4.94
CA TYR B 419 -28.73 19.35 3.56
C TYR B 419 -29.76 18.52 2.79
N VAL B 420 -30.67 19.19 2.11
CA VAL B 420 -31.67 18.53 1.26
C VAL B 420 -31.84 19.34 -0.01
N GLU B 421 -31.98 18.64 -1.14
CA GLU B 421 -32.15 19.29 -2.43
C GLU B 421 -33.62 19.50 -2.78
#